data_5MDL
#
_entry.id   5MDL
#
_cell.length_a   73.134
_cell.length_b   95.568
_cell.length_c   119.686
_cell.angle_alpha   90.00
_cell.angle_beta   90.00
_cell.angle_gamma   90.00
#
_symmetry.space_group_name_H-M   'P 21 21 21'
#
loop_
_entity.id
_entity.type
_entity.pdbx_description
1 polymer 'Uptake hydrogenase large subunit;HOXG'
2 polymer 'Uptake hydrogenase small subunit;HOXK'
3 non-polymer 'NI-FE OXIDIZED ACTIVE CENTER'
4 non-polymer 'MAGNESIUM ION'
5 non-polymer 'OXYGEN MOLECULE'
6 non-polymer DI(HYDROXYETHYL)ETHER
7 non-polymer 'IRON/SULFUR CLUSTER'
8 non-polymer 'FE3-S4 CLUSTER'
9 non-polymer 'FE4-S3 CLUSTER'
10 non-polymer 'CHLORIDE ION'
11 non-polymer 'OXYGEN ATOM'
12 water water
#
loop_
_entity_poly.entity_id
_entity_poly.type
_entity_poly.pdbx_seq_one_letter_code
_entity_poly.pdbx_strand_id
1 'polypeptide(L)'
;MSAYATQGFNLDDRGRRIVVDPVTRIEGHMRCEVNVDANNVIRNAVSTGTMWRGLEVILKGRDPRDAWAFVERICGVCTG
CHALASVRAVENALDIRIPKNAHLIREIMAKTLQVHDHAVHFYHLHALDWVDVMSALKADPKRTSELQQLVSPAHPLSSA
GYFRDIQNRLKRFVESGQLGPFMNGYWGSKAYVLPPEANLMAVTHYLEALDLQKEWVKIHTIFGGKNPHPNYLVGGVPCA
INLDGIGAASAPVNMERLSFVKARIDEIIEFNKNVYVPDVLAIGTLYKQAGWLYGGGLAATNVLDYGEYPNVAYNKSTDQ
LPGGAILNGNWDEVFPVDPRDSQQVQEFVSHSWYKYADESVGLHPWDGVTEPNYVLGANTKGTRTRIEQIDESAKYSWIK
SPRWRGHAMEVGPLSRYILAYAHARSGNKYAERPKEQLEYSAQMINSAIPKALGLPETQYTLKQLLPSTIGRTLARALES
QYCGEMMHSDWHDLVANIRAGDTATANVDKWDPATWPLQAKGVGTVAAPRGALGHWIRIKDGRIENYQCVVPTTWNGSPR
DYKGQIGAFEASLMNTPMVNPEQPVEILRTLHSFDPCLACSTH
;
L
2 'polypeptide(L)'
;METKPRTPVLWLHGLECTCCSESFIRSAHPLAKDVVLSMISLDYDDTLMAAAGHQAEAILEEIMTKYKGNYILAVEGNPP
LNQDGMSCIIGGRPFIEQLKYVAKDAKAIISWGSCASWGCVQAAKPNPTQATPVHKVITDKPIIKVPGCPPIAEVMTGVI
TYMLTFDRIPELDRQGRPKMFYSQRIHDKCYRRPHFDAGQFVEEWDDESARKGFCLYKMGCKGPTTYNACSTTRWNEGTS
FPIQSGHGCIGCSEDGFWDKGSFYDRLTGISQFGVEANADKIGGTASVVVGAAVTAHAAASAIKRASKKNETSGSEHRSA
WSHPQFEK
;
S
#
loop_
_chem_comp.id
_chem_comp.type
_chem_comp.name
_chem_comp.formula
CL non-polymer 'CHLORIDE ION' 'Cl -1'
F3S non-polymer 'FE3-S4 CLUSTER' 'Fe3 S4'
F4S non-polymer 'FE4-S3 CLUSTER' 'Fe4 S3'
MG non-polymer 'MAGNESIUM ION' 'Mg 2'
NFV non-polymer 'NI-FE OXIDIZED ACTIVE CENTER' 'C3 Fe N2 Ni O2'
O non-polymer 'OXYGEN ATOM' O
OXY non-polymer 'OXYGEN MOLECULE' O2
PEG non-polymer DI(HYDROXYETHYL)ETHER 'C4 H10 O3'
SF4 non-polymer 'IRON/SULFUR CLUSTER' 'Fe4 S4'
#
# COMPACT_ATOMS: atom_id res chain seq x y z
N ALA A 3 19.91 27.76 10.14
CA ALA A 3 19.54 27.81 8.70
C ALA A 3 20.73 27.42 7.84
N TYR A 4 20.48 26.68 6.77
CA TYR A 4 21.53 26.35 5.81
C TYR A 4 20.95 26.04 4.45
N ALA A 5 21.84 26.07 3.45
CA ALA A 5 21.47 25.78 2.06
C ALA A 5 21.94 24.38 1.68
N THR A 6 21.07 23.66 0.98
CA THR A 6 21.41 22.34 0.44
C THR A 6 20.57 22.08 -0.80
N GLN A 7 21.20 21.59 -1.86
CA GLN A 7 20.51 21.16 -3.08
C GLN A 7 19.71 22.28 -3.73
N GLY A 8 20.16 23.53 -3.56
CA GLY A 8 19.44 24.68 -4.09
C GLY A 8 18.28 25.15 -3.24
N PHE A 9 18.08 24.55 -2.06
CA PHE A 9 17.05 24.94 -1.11
C PHE A 9 17.66 25.69 0.05
N ASN A 10 17.08 26.84 0.38
CA ASN A 10 17.52 27.61 1.52
C ASN A 10 16.63 27.26 2.71
N LEU A 11 17.07 26.30 3.53
CA LEU A 11 16.30 25.89 4.71
C LEU A 11 16.44 26.92 5.80
N ASP A 12 15.34 27.21 6.48
CA ASP A 12 15.30 28.23 7.52
C ASP A 12 14.23 27.82 8.53
N ASP A 13 14.67 27.57 9.76
CA ASP A 13 13.77 27.16 10.86
C ASP A 13 13.40 28.30 11.82
N ARG A 14 13.59 29.55 11.40
CA ARG A 14 13.31 30.70 12.29
C ARG A 14 11.85 31.13 12.27
N GLY A 15 11.09 30.71 11.26
CA GLY A 15 9.69 31.09 11.14
C GLY A 15 8.78 30.31 12.07
N ARG A 16 7.48 30.47 11.85
CA ARG A 16 6.45 29.85 12.68
C ARG A 16 6.41 28.34 12.44
N ARG A 17 6.48 27.58 13.53
CA ARG A 17 6.47 26.10 13.47
C ARG A 17 5.04 25.58 13.46
N ILE A 18 4.78 24.66 12.52
CA ILE A 18 3.47 24.03 12.36
C ILE A 18 3.69 22.52 12.45
N VAL A 19 2.83 21.83 13.18
CA VAL A 19 2.92 20.38 13.36
C VAL A 19 1.69 19.69 12.83
N VAL A 20 1.89 18.63 12.02
CA VAL A 20 0.80 17.77 11.56
C VAL A 20 1.09 16.35 12.02
N ASP A 21 0.40 15.93 13.07
CA ASP A 21 0.59 14.59 13.63
C ASP A 21 -0.72 14.18 14.29
N PRO A 22 -1.45 13.24 13.69
CA PRO A 22 -1.05 12.36 12.56
C PRO A 22 -1.23 13.00 11.18
N VAL A 23 -0.35 12.64 10.24
CA VAL A 23 -0.65 12.81 8.83
C VAL A 23 -1.61 11.69 8.47
N THR A 24 -2.80 12.04 8.00
CA THR A 24 -3.84 11.05 7.71
C THR A 24 -3.93 10.86 6.19
N ARG A 25 -4.81 9.96 5.75
CA ARG A 25 -4.90 9.55 4.34
C ARG A 25 -3.54 9.15 3.74
N ILE A 26 -2.81 8.38 4.54
CA ILE A 26 -1.62 7.64 4.13
C ILE A 26 -1.76 6.25 4.72
N GLU A 27 -0.86 5.35 4.34
CA GLU A 27 -0.69 4.10 5.08
C GLU A 27 0.29 4.38 6.22
N GLY A 28 -0.05 3.92 7.41
CA GLY A 28 0.88 3.94 8.53
C GLY A 28 0.96 5.29 9.20
N HIS A 29 2.09 5.54 9.85
CA HIS A 29 2.21 6.62 10.82
C HIS A 29 3.31 7.57 10.41
N MET A 30 2.93 8.84 10.25
CA MET A 30 3.87 9.91 9.93
C MET A 30 3.52 11.18 10.71
N ARG A 31 4.57 11.89 11.10
CA ARG A 31 4.50 13.25 11.64
C ARG A 31 5.24 14.16 10.68
N CYS A 32 4.64 15.31 10.39
CA CYS A 32 5.29 16.33 9.58
C CYS A 32 5.34 17.63 10.37
N GLU A 33 6.49 18.28 10.37
CA GLU A 33 6.59 19.67 10.87
C GLU A 33 7.17 20.56 9.78
N VAL A 34 6.69 21.80 9.73
CA VAL A 34 7.24 22.80 8.84
C VAL A 34 7.46 24.10 9.59
N ASN A 35 8.31 24.95 9.03
CA ASN A 35 8.36 26.36 9.41
C ASN A 35 7.89 27.20 8.23
N VAL A 36 7.05 28.18 8.50
CA VAL A 36 6.58 29.12 7.50
C VAL A 36 7.06 30.53 7.78
N ASP A 37 7.27 31.28 6.71
CA ASP A 37 7.76 32.66 6.81
C ASP A 37 6.62 33.64 7.04
N ALA A 38 6.95 34.93 7.02
CA ALA A 38 5.98 35.98 7.28
C ALA A 38 4.78 35.98 6.32
N ASN A 39 4.96 35.37 5.15
CA ASN A 39 3.90 35.29 4.15
C ASN A 39 3.31 33.87 4.03
N ASN A 40 3.49 33.05 5.06
CA ASN A 40 2.95 31.66 5.11
C ASN A 40 3.58 30.72 4.10
N VAL A 41 4.79 31.02 3.66
CA VAL A 41 5.48 30.14 2.71
C VAL A 41 6.36 29.18 3.51
N ILE A 42 6.28 27.89 3.17
CA ILE A 42 7.10 26.90 3.84
C ILE A 42 8.59 27.12 3.48
N ARG A 43 9.41 27.26 4.52
CA ARG A 43 10.86 27.45 4.36
C ARG A 43 11.69 26.37 5.06
N ASN A 44 11.00 25.41 5.70
CA ASN A 44 11.64 24.24 6.29
C ASN A 44 10.60 23.16 6.40
N ALA A 45 11.02 21.92 6.19
CA ALA A 45 10.11 20.77 6.30
C ALA A 45 10.87 19.60 6.91
N VAL A 46 10.15 18.83 7.72
CA VAL A 46 10.70 17.75 8.53
C VAL A 46 9.78 16.53 8.42
N SER A 47 10.34 15.44 7.88
CA SER A 47 9.59 14.19 7.69
C SER A 47 9.98 13.24 8.82
N THR A 48 9.00 12.83 9.64
CA THR A 48 9.24 11.89 10.72
C THR A 48 8.38 10.65 10.54
N GLY A 49 9.02 9.51 10.27
CA GLY A 49 8.31 8.23 10.30
C GLY A 49 8.11 7.82 11.75
N THR A 50 6.86 7.57 12.13
CA THR A 50 6.51 7.40 13.54
C THR A 50 6.14 5.95 13.90
N MET A 51 6.71 4.99 13.17
CA MET A 51 6.52 3.57 13.50
C MET A 51 7.73 2.76 13.07
N TRP A 52 7.92 1.63 13.75
CA TRP A 52 8.91 0.63 13.37
C TRP A 52 8.49 -0.69 13.95
N ARG A 53 8.72 -1.75 13.18
CA ARG A 53 8.39 -3.13 13.59
C ARG A 53 9.61 -4.08 13.64
N GLY A 54 10.61 -3.84 12.81
CA GLY A 54 11.83 -4.63 12.82
C GLY A 54 11.78 -5.95 12.06
N LEU A 55 11.15 -5.96 10.89
CA LEU A 55 11.13 -7.17 10.05
C LEU A 55 12.52 -7.70 9.72
N GLU A 56 13.49 -6.81 9.51
CA GLU A 56 14.82 -7.25 9.12
C GLU A 56 15.48 -8.07 10.23
N VAL A 57 15.19 -7.71 11.47
CA VAL A 57 15.66 -8.40 12.66
C VAL A 57 14.96 -9.74 12.82
N ILE A 58 13.64 -9.71 12.67
CA ILE A 58 12.80 -10.91 12.81
C ILE A 58 13.21 -12.02 11.83
N LEU A 59 13.64 -11.63 10.62
CA LEU A 59 13.99 -12.64 9.61
C LEU A 59 15.26 -13.43 9.91
N LYS A 60 16.13 -12.91 10.76
CA LYS A 60 17.43 -13.57 10.99
C LYS A 60 17.23 -15.00 11.47
N GLY A 61 17.92 -15.94 10.83
CA GLY A 61 17.91 -17.34 11.23
C GLY A 61 16.79 -18.17 10.61
N ARG A 62 15.88 -17.54 9.89
CA ARG A 62 14.74 -18.25 9.31
C ARG A 62 15.07 -18.82 7.93
N ASP A 63 14.15 -19.60 7.37
CA ASP A 63 14.36 -20.24 6.08
C ASP A 63 14.08 -19.23 4.97
N PRO A 64 15.03 -19.07 4.01
CA PRO A 64 14.80 -18.18 2.89
C PRO A 64 13.49 -18.44 2.14
N ARG A 65 13.03 -19.68 2.10
CA ARG A 65 11.79 -20.02 1.39
C ARG A 65 10.54 -19.45 2.07
N ASP A 66 10.64 -19.19 3.37
CA ASP A 66 9.53 -18.59 4.15
C ASP A 66 9.54 -17.07 4.10
N ALA A 67 10.67 -16.48 3.69
CA ALA A 67 10.85 -15.05 3.87
C ALA A 67 9.78 -14.22 3.20
N TRP A 68 9.32 -14.63 2.02
CA TRP A 68 8.37 -13.82 1.25
C TRP A 68 7.13 -13.53 2.07
N ALA A 69 6.68 -14.48 2.88
CA ALA A 69 5.42 -14.31 3.61
C ALA A 69 5.59 -13.31 4.74
N PHE A 70 6.75 -13.34 5.39
CA PHE A 70 7.06 -12.36 6.45
C PHE A 70 7.13 -10.97 5.85
N VAL A 71 7.91 -10.81 4.80
CA VAL A 71 8.11 -9.48 4.23
C VAL A 71 6.90 -8.95 3.46
N GLU A 72 6.03 -9.85 2.99
CA GLU A 72 4.77 -9.42 2.40
C GLU A 72 3.99 -8.57 3.42
N ARG A 73 4.08 -8.97 4.69
CA ARG A 73 3.39 -8.28 5.78
C ARG A 73 4.10 -6.99 6.21
N ILE A 74 5.13 -6.56 5.49
CA ILE A 74 5.57 -5.18 5.61
C ILE A 74 4.40 -4.24 5.27
N CYS A 75 3.57 -4.62 4.30
CA CYS A 75 2.53 -3.74 3.83
C CYS A 75 1.36 -4.44 3.15
N GLY A 76 0.15 -4.15 3.61
CA GLY A 76 -1.06 -4.68 3.02
C GLY A 76 -1.68 -3.80 1.94
N VAL A 77 -1.14 -2.61 1.74
CA VAL A 77 -1.60 -1.71 0.69
C VAL A 77 -0.85 -2.09 -0.58
N CYS A 78 0.48 -2.04 -0.54
CA CYS A 78 1.30 -2.54 -1.67
C CYS A 78 1.50 -4.04 -1.54
N THR A 79 0.38 -4.75 -1.41
CA THR A 79 0.39 -6.16 -1.03
C THR A 79 0.93 -7.05 -2.14
N GLY A 80 1.98 -7.79 -1.80
CA GLY A 80 2.61 -8.71 -2.74
C GLY A 80 3.92 -8.21 -3.33
N CYS A 81 4.15 -6.90 -3.40
CA CYS A 81 5.38 -6.43 -4.04
C CYS A 81 6.61 -6.86 -3.27
N HIS A 82 6.50 -6.89 -1.94
CA HIS A 82 7.58 -7.40 -1.10
C HIS A 82 7.79 -8.90 -1.26
N ALA A 83 6.70 -9.64 -1.44
CA ALA A 83 6.81 -11.08 -1.70
C ALA A 83 7.56 -11.29 -3.00
N LEU A 84 7.22 -10.50 -4.01
CA LEU A 84 7.90 -10.57 -5.30
C LEU A 84 9.39 -10.25 -5.17
N ALA A 85 9.72 -9.18 -4.46
CA ALA A 85 11.12 -8.82 -4.25
C ALA A 85 11.87 -9.96 -3.53
N SER A 86 11.21 -10.58 -2.57
CA SER A 86 11.83 -11.62 -1.75
C SER A 86 12.12 -12.88 -2.56
N VAL A 87 11.13 -13.38 -3.28
CA VAL A 87 11.36 -14.57 -4.09
C VAL A 87 12.43 -14.29 -5.15
N ARG A 88 12.43 -13.08 -5.72
CA ARG A 88 13.45 -12.70 -6.67
C ARG A 88 14.85 -12.70 -6.04
N ALA A 89 14.96 -12.18 -4.82
CA ALA A 89 16.24 -12.13 -4.11
C ALA A 89 16.74 -13.54 -3.82
N VAL A 90 15.86 -14.42 -3.38
CA VAL A 90 16.25 -15.81 -3.07
C VAL A 90 16.63 -16.54 -4.34
N GLU A 91 15.83 -16.37 -5.39
CA GLU A 91 16.13 -16.97 -6.69
C GLU A 91 17.49 -16.46 -7.23
N ASN A 92 17.78 -15.18 -7.02
CA ASN A 92 19.05 -14.59 -7.44
C ASN A 92 20.20 -15.21 -6.65
N ALA A 93 20.02 -15.35 -5.34
CA ALA A 93 21.04 -15.96 -4.50
C ALA A 93 21.35 -17.40 -4.90
N LEU A 94 20.32 -18.16 -5.23
CA LEU A 94 20.47 -19.59 -5.45
C LEU A 94 20.53 -19.97 -6.93
N ASP A 95 20.55 -18.97 -7.82
CA ASP A 95 20.63 -19.19 -9.26
C ASP A 95 19.47 -20.09 -9.74
N ILE A 96 18.26 -19.68 -9.40
CA ILE A 96 17.04 -20.36 -9.83
C ILE A 96 16.38 -19.54 -10.94
N ARG A 97 16.13 -20.19 -12.08
CA ARG A 97 15.41 -19.57 -13.22
C ARG A 97 13.98 -20.07 -13.15
N ILE A 98 13.01 -19.17 -13.03
CA ILE A 98 11.62 -19.59 -12.97
C ILE A 98 11.06 -19.83 -14.39
N PRO A 99 10.03 -20.69 -14.52
CA PRO A 99 9.46 -20.91 -15.86
C PRO A 99 8.68 -19.70 -16.36
N LYS A 100 8.52 -19.63 -17.67
CA LYS A 100 7.86 -18.54 -18.36
C LYS A 100 6.48 -18.24 -17.78
N ASN A 101 5.67 -19.27 -17.49
CA ASN A 101 4.32 -18.99 -16.99
C ASN A 101 4.35 -18.33 -15.62
N ALA A 102 5.32 -18.74 -14.79
CA ALA A 102 5.47 -18.11 -13.47
C ALA A 102 5.86 -16.64 -13.61
N HIS A 103 6.76 -16.35 -14.54
CA HIS A 103 7.13 -14.98 -14.85
C HIS A 103 5.92 -14.18 -15.24
N LEU A 104 5.14 -14.69 -16.18
CA LEU A 104 4.00 -13.94 -16.70
C LEU A 104 2.92 -13.75 -15.61
N ILE A 105 2.70 -14.77 -14.79
CA ILE A 105 1.72 -14.67 -13.71
C ILE A 105 2.16 -13.64 -12.67
N ARG A 106 3.45 -13.66 -12.31
CA ARG A 106 3.96 -12.64 -11.40
C ARG A 106 3.79 -11.24 -11.99
N GLU A 107 4.06 -11.07 -13.28
CA GLU A 107 3.91 -9.76 -13.92
C GLU A 107 2.47 -9.29 -13.90
N ILE A 108 1.54 -10.20 -14.16
CA ILE A 108 0.12 -9.86 -14.16
C ILE A 108 -0.28 -9.45 -12.73
N MET A 109 0.20 -10.20 -11.74
CA MET A 109 -0.09 -9.84 -10.34
C MET A 109 0.49 -8.46 -9.99
N ALA A 110 1.70 -8.19 -10.46
CA ALA A 110 2.37 -6.93 -10.18
C ALA A 110 1.62 -5.77 -10.80
N LYS A 111 1.18 -5.95 -12.03
CA LYS A 111 0.47 -4.89 -12.75
C LYS A 111 -0.95 -4.67 -12.22
N THR A 112 -1.57 -5.74 -11.68
CA THR A 112 -2.86 -5.64 -11.01
C THR A 112 -2.69 -4.79 -9.75
N LEU A 113 -1.64 -5.06 -9.00
CA LEU A 113 -1.36 -4.25 -7.81
C LEU A 113 -1.16 -2.78 -8.18
N GLN A 114 -0.40 -2.51 -9.23
CA GLN A 114 -0.15 -1.13 -9.67
C GLN A 114 -1.47 -0.41 -9.91
N VAL A 115 -2.36 -1.03 -10.66
CA VAL A 115 -3.65 -0.40 -10.95
C VAL A 115 -4.48 -0.19 -9.68
N HIS A 116 -4.62 -1.25 -8.89
CA HIS A 116 -5.45 -1.16 -7.69
C HIS A 116 -4.91 -0.10 -6.73
N ASP A 117 -3.61 -0.18 -6.46
CA ASP A 117 -2.97 0.73 -5.52
C ASP A 117 -3.10 2.17 -6.02
N HIS A 118 -2.78 2.41 -7.29
CA HIS A 118 -2.84 3.77 -7.85
C HIS A 118 -4.24 4.38 -7.83
N ALA A 119 -5.23 3.62 -8.29
CA ALA A 119 -6.59 4.16 -8.39
C ALA A 119 -7.20 4.38 -7.02
N VAL A 120 -7.01 3.43 -6.10
CA VAL A 120 -7.50 3.61 -4.74
C VAL A 120 -6.79 4.78 -4.07
N HIS A 121 -5.48 4.90 -4.30
CA HIS A 121 -4.78 6.03 -3.74
C HIS A 121 -5.42 7.32 -4.21
N PHE A 122 -5.58 7.48 -5.53
CA PHE A 122 -6.03 8.75 -6.04
C PHE A 122 -7.41 9.09 -5.50
N TYR A 123 -8.36 8.18 -5.62
CA TYR A 123 -9.72 8.52 -5.21
C TYR A 123 -9.90 8.59 -3.70
N HIS A 124 -9.41 7.59 -2.98
CA HIS A 124 -9.77 7.45 -1.57
C HIS A 124 -8.82 8.12 -0.60
N LEU A 125 -7.58 8.35 -1.01
CA LEU A 125 -6.61 9.04 -0.17
C LEU A 125 -6.29 10.46 -0.66
N HIS A 126 -6.15 10.65 -1.97
CA HIS A 126 -5.66 11.92 -2.50
C HIS A 126 -6.75 12.91 -2.88
N ALA A 127 -7.88 12.42 -3.37
CA ALA A 127 -8.86 13.29 -4.03
C ALA A 127 -9.34 14.41 -3.11
N LEU A 128 -9.49 14.12 -1.82
CA LEU A 128 -10.02 15.13 -0.88
C LEU A 128 -9.06 16.32 -0.66
N ASP A 129 -7.83 16.25 -1.18
CA ASP A 129 -6.93 17.41 -1.19
C ASP A 129 -7.22 18.37 -2.35
N TRP A 130 -7.95 17.88 -3.34
CA TRP A 130 -8.26 18.64 -4.55
C TRP A 130 -9.76 18.95 -4.66
N VAL A 131 -10.57 18.11 -4.06
CA VAL A 131 -12.02 18.10 -4.20
C VAL A 131 -12.66 18.52 -2.89
N ASP A 132 -13.56 19.50 -2.98
CA ASP A 132 -14.32 19.96 -1.83
C ASP A 132 -15.70 19.29 -1.90
N VAL A 133 -15.92 18.32 -1.02
CA VAL A 133 -17.16 17.54 -1.06
C VAL A 133 -18.40 18.37 -0.69
N MET A 134 -18.23 19.42 0.11
CA MET A 134 -19.37 20.28 0.44
C MET A 134 -19.78 21.12 -0.76
N SER A 135 -18.81 21.54 -1.58
CA SER A 135 -19.09 22.23 -2.83
C SER A 135 -19.89 21.36 -3.83
N ALA A 136 -19.63 20.05 -3.82
CA ALA A 136 -20.42 19.10 -4.60
C ALA A 136 -21.93 19.18 -4.35
N LEU A 137 -22.33 19.51 -3.12
CA LEU A 137 -23.76 19.67 -2.78
C LEU A 137 -24.45 20.84 -3.50
N LYS A 138 -23.65 21.81 -3.94
CA LYS A 138 -24.16 22.99 -4.67
C LYS A 138 -24.26 22.75 -6.17
N ALA A 139 -23.70 21.66 -6.67
CA ALA A 139 -23.59 21.44 -8.12
C ALA A 139 -24.93 21.28 -8.78
N ASP A 140 -25.02 21.70 -10.04
CA ASP A 140 -26.18 21.42 -10.87
C ASP A 140 -25.96 20.09 -11.58
N PRO A 141 -26.89 19.13 -11.39
CA PRO A 141 -26.77 17.83 -12.06
C PRO A 141 -26.65 17.88 -13.59
N LYS A 142 -27.40 18.77 -14.24
CA LYS A 142 -27.31 18.91 -15.70
C LYS A 142 -25.93 19.41 -16.13
N ARG A 143 -25.40 20.40 -15.44
CA ARG A 143 -24.05 20.92 -15.74
C ARG A 143 -22.97 19.88 -15.43
N THR A 144 -23.22 19.05 -14.40
CA THR A 144 -22.30 17.95 -14.08
C THR A 144 -22.28 16.90 -15.19
N SER A 145 -23.47 16.51 -15.66
CA SER A 145 -23.58 15.65 -16.83
C SER A 145 -22.84 16.21 -18.03
N GLU A 146 -23.00 17.51 -18.28
CA GLU A 146 -22.31 18.16 -19.39
C GLU A 146 -20.79 18.16 -19.22
N LEU A 147 -20.34 18.37 -17.98
CA LEU A 147 -18.91 18.32 -17.69
C LEU A 147 -18.36 16.90 -17.94
N GLN A 148 -19.06 15.90 -17.41
CA GLN A 148 -18.71 14.49 -17.61
C GLN A 148 -18.53 14.15 -19.09
N GLN A 149 -19.47 14.62 -19.92
CA GLN A 149 -19.42 14.34 -21.36
C GLN A 149 -18.23 15.03 -22.05
N LEU A 150 -17.81 16.19 -21.55
CA LEU A 150 -16.60 16.86 -22.06
C LEU A 150 -15.31 16.19 -21.60
N VAL A 151 -15.26 15.86 -20.31
CA VAL A 151 -14.07 15.28 -19.69
C VAL A 151 -13.78 13.87 -20.22
N SER A 152 -14.83 13.06 -20.34
CA SER A 152 -14.69 11.67 -20.80
C SER A 152 -15.93 11.22 -21.58
N PRO A 153 -15.94 11.48 -22.90
CA PRO A 153 -17.11 11.14 -23.74
C PRO A 153 -17.55 9.67 -23.67
N ALA A 154 -16.61 8.75 -23.51
CA ALA A 154 -16.89 7.31 -23.52
C ALA A 154 -17.43 6.73 -22.22
N HIS A 155 -17.36 7.47 -21.11
CA HIS A 155 -17.82 6.95 -19.83
C HIS A 155 -19.35 6.92 -19.81
N PRO A 156 -19.95 5.72 -19.69
CA PRO A 156 -21.41 5.67 -19.87
C PRO A 156 -22.24 6.18 -18.68
N LEU A 157 -21.63 6.40 -17.51
CA LEU A 157 -22.36 6.87 -16.34
C LEU A 157 -22.32 8.41 -16.30
N SER A 158 -23.16 9.04 -17.11
CA SER A 158 -23.07 10.47 -17.36
C SER A 158 -24.38 11.27 -17.24
N SER A 159 -25.50 10.61 -16.95
CA SER A 159 -26.81 11.29 -17.01
C SER A 159 -26.99 12.26 -15.86
N ALA A 160 -27.76 13.33 -16.10
CA ALA A 160 -28.13 14.26 -15.03
C ALA A 160 -28.81 13.55 -13.87
N GLY A 161 -29.70 12.61 -14.18
CA GLY A 161 -30.41 11.83 -13.16
C GLY A 161 -29.47 10.99 -12.31
N TYR A 162 -28.46 10.39 -12.94
CA TYR A 162 -27.44 9.64 -12.19
C TYR A 162 -26.72 10.57 -11.20
N PHE A 163 -26.19 11.70 -11.70
CA PHE A 163 -25.50 12.63 -10.81
C PHE A 163 -26.41 13.22 -9.73
N ARG A 164 -27.69 13.42 -10.06
CA ARG A 164 -28.68 13.90 -9.09
CA ARG A 164 -28.68 13.89 -9.10
C ARG A 164 -28.86 12.89 -7.95
N ASP A 165 -28.97 11.61 -8.30
CA ASP A 165 -29.12 10.54 -7.30
C ASP A 165 -27.91 10.45 -6.36
N ILE A 166 -26.70 10.56 -6.91
CA ILE A 166 -25.49 10.57 -6.09
C ILE A 166 -25.48 11.80 -5.18
N GLN A 167 -25.76 12.97 -5.75
CA GLN A 167 -25.82 14.19 -4.96
C GLN A 167 -26.81 14.09 -3.80
N ASN A 168 -27.99 13.51 -4.06
CA ASN A 168 -29.01 13.39 -3.02
C ASN A 168 -28.59 12.46 -1.88
N ARG A 169 -27.88 11.38 -2.20
CA ARG A 169 -27.32 10.52 -1.15
C ARG A 169 -26.28 11.26 -0.29
N LEU A 170 -25.43 12.04 -0.94
CA LEU A 170 -24.44 12.84 -0.22
C LEU A 170 -25.13 13.89 0.67
N LYS A 171 -26.17 14.53 0.12
CA LYS A 171 -26.98 15.50 0.87
C LYS A 171 -27.57 14.89 2.15
N ARG A 172 -28.23 13.75 2.00
CA ARG A 172 -28.80 13.02 3.14
C ARG A 172 -27.74 12.64 4.18
N PHE A 173 -26.58 12.20 3.69
CA PHE A 173 -25.44 11.87 4.55
C PHE A 173 -24.99 13.08 5.36
N VAL A 174 -24.75 14.20 4.69
CA VAL A 174 -24.28 15.42 5.35
C VAL A 174 -25.35 15.99 6.31
N GLU A 175 -26.60 15.99 5.86
CA GLU A 175 -27.72 16.51 6.67
C GLU A 175 -28.04 15.68 7.92
N SER A 176 -27.52 14.45 7.99
CA SER A 176 -27.62 13.63 9.20
C SER A 176 -26.85 14.22 10.39
N GLY A 177 -25.88 15.09 10.13
CA GLY A 177 -25.01 15.62 11.17
C GLY A 177 -23.86 14.69 11.55
N GLN A 178 -23.80 13.50 10.96
CA GLN A 178 -22.72 12.55 11.19
C GLN A 178 -21.92 12.46 9.89
N LEU A 179 -20.90 13.31 9.78
CA LEU A 179 -20.15 13.47 8.54
CA LEU A 179 -20.17 13.46 8.52
C LEU A 179 -19.11 12.38 8.33
N GLY A 180 -18.83 11.62 9.38
CA GLY A 180 -17.91 10.47 9.26
C GLY A 180 -16.53 10.88 8.73
N PRO A 181 -16.08 10.27 7.62
CA PRO A 181 -14.77 10.66 7.09
C PRO A 181 -14.63 12.12 6.63
N PHE A 182 -15.75 12.84 6.50
CA PHE A 182 -15.70 14.27 6.12
C PHE A 182 -15.73 15.23 7.31
N MET A 183 -15.78 14.70 8.52
CA MET A 183 -15.87 15.51 9.75
C MET A 183 -14.63 16.41 9.96
N ASN A 184 -14.86 17.66 10.35
CA ASN A 184 -13.76 18.61 10.64
C ASN A 184 -12.79 18.80 9.48
N GLY A 185 -13.29 18.64 8.26
CA GLY A 185 -12.46 18.81 7.07
C GLY A 185 -12.20 20.28 6.79
N TYR A 186 -11.47 20.54 5.70
CA TYR A 186 -11.01 21.89 5.38
C TYR A 186 -11.87 22.52 4.29
N TRP A 187 -13.12 22.05 4.22
CA TRP A 187 -14.06 22.44 3.17
C TRP A 187 -14.23 23.96 3.18
N GLY A 188 -14.27 24.55 1.99
CA GLY A 188 -14.44 25.99 1.84
C GLY A 188 -13.14 26.78 1.85
N SER A 189 -12.00 26.11 2.09
CA SER A 189 -10.71 26.78 2.00
C SER A 189 -10.52 27.34 0.61
N LYS A 190 -9.89 28.51 0.52
CA LYS A 190 -9.52 29.08 -0.78
C LYS A 190 -8.48 28.22 -1.50
N ALA A 191 -7.84 27.29 -0.80
CA ALA A 191 -6.95 26.30 -1.47
C ALA A 191 -7.69 25.37 -2.44
N TYR A 192 -9.00 25.22 -2.26
CA TYR A 192 -9.83 24.47 -3.21
C TYR A 192 -10.28 25.39 -4.35
N VAL A 193 -10.08 24.96 -5.61
CA VAL A 193 -10.40 25.82 -6.77
C VAL A 193 -11.43 25.24 -7.73
N LEU A 194 -11.82 23.97 -7.56
CA LEU A 194 -12.73 23.34 -8.52
C LEU A 194 -14.13 23.93 -8.44
N PRO A 195 -14.83 24.01 -9.59
CA PRO A 195 -16.24 24.36 -9.54
C PRO A 195 -17.07 23.22 -8.96
N PRO A 196 -18.27 23.53 -8.44
CA PRO A 196 -19.18 22.52 -7.88
C PRO A 196 -19.37 21.26 -8.72
N GLU A 197 -19.54 21.45 -10.02
CA GLU A 197 -19.81 20.33 -10.93
C GLU A 197 -18.64 19.35 -10.98
N ALA A 198 -17.41 19.88 -10.98
CA ALA A 198 -16.20 19.05 -10.96
C ALA A 198 -16.07 18.29 -9.64
N ASN A 199 -16.44 18.94 -8.54
CA ASN A 199 -16.46 18.26 -7.25
C ASN A 199 -17.47 17.11 -7.19
N LEU A 200 -18.67 17.32 -7.73
CA LEU A 200 -19.68 16.27 -7.74
C LEU A 200 -19.26 15.11 -8.63
N MET A 201 -18.71 15.41 -9.80
CA MET A 201 -18.17 14.38 -10.69
C MET A 201 -17.13 13.53 -9.95
N ALA A 202 -16.20 14.19 -9.29
CA ALA A 202 -15.13 13.47 -8.57
C ALA A 202 -15.65 12.62 -7.40
N VAL A 203 -16.60 13.14 -6.63
CA VAL A 203 -17.21 12.37 -5.54
C VAL A 203 -17.95 11.14 -6.09
N THR A 204 -18.63 11.33 -7.20
CA THR A 204 -19.31 10.22 -7.86
C THR A 204 -18.31 9.12 -8.23
N HIS A 205 -17.17 9.53 -8.75
CA HIS A 205 -16.13 8.57 -9.15
C HIS A 205 -15.43 7.92 -7.95
N TYR A 206 -15.33 8.65 -6.84
CA TYR A 206 -14.86 8.11 -5.56
C TYR A 206 -15.72 6.90 -5.20
N LEU A 207 -17.03 7.06 -5.28
CA LEU A 207 -17.94 5.99 -4.95
C LEU A 207 -17.85 4.85 -5.97
N GLU A 208 -17.77 5.20 -7.26
CA GLU A 208 -17.62 4.18 -8.32
C GLU A 208 -16.36 3.35 -8.10
N ALA A 209 -15.24 4.02 -7.83
CA ALA A 209 -13.96 3.35 -7.62
C ALA A 209 -14.00 2.44 -6.39
N LEU A 210 -14.69 2.88 -5.34
CA LEU A 210 -14.81 2.09 -4.11
C LEU A 210 -15.52 0.75 -4.39
N ASP A 211 -16.56 0.77 -5.20
CA ASP A 211 -17.26 -0.46 -5.55
C ASP A 211 -16.47 -1.34 -6.52
N LEU A 212 -15.77 -0.73 -7.49
CA LEU A 212 -15.05 -1.49 -8.53
C LEU A 212 -13.71 -2.07 -8.09
N GLN A 213 -13.05 -1.43 -7.13
CA GLN A 213 -11.70 -1.84 -6.76
C GLN A 213 -11.65 -3.29 -6.26
N LYS A 214 -12.74 -3.76 -5.66
CA LYS A 214 -12.80 -5.12 -5.14
C LYS A 214 -12.84 -6.17 -6.24
N GLU A 215 -13.27 -5.78 -7.45
CA GLU A 215 -13.30 -6.71 -8.57
C GLU A 215 -11.90 -6.92 -9.12
N TRP A 216 -11.13 -5.84 -9.20
CA TRP A 216 -9.81 -5.90 -9.86
C TRP A 216 -8.89 -6.90 -9.17
N VAL A 217 -8.97 -6.93 -7.84
CA VAL A 217 -8.06 -7.79 -7.07
C VAL A 217 -8.37 -9.28 -7.18
N LYS A 218 -9.53 -9.63 -7.76
CA LYS A 218 -9.86 -11.05 -7.95
C LYS A 218 -8.82 -11.74 -8.86
N ILE A 219 -8.05 -10.94 -9.60
CA ILE A 219 -6.90 -11.48 -10.35
C ILE A 219 -5.85 -12.06 -9.37
N HIS A 220 -5.51 -11.29 -8.32
CA HIS A 220 -4.69 -11.84 -7.22
C HIS A 220 -5.31 -13.08 -6.62
N THR A 221 -6.63 -13.05 -6.40
CA THR A 221 -7.27 -14.18 -5.75
C THR A 221 -7.13 -15.47 -6.56
N ILE A 222 -7.29 -15.38 -7.87
CA ILE A 222 -7.14 -16.57 -8.69
CA ILE A 222 -7.13 -16.54 -8.75
C ILE A 222 -5.71 -17.11 -8.61
N PHE A 223 -4.72 -16.26 -8.83
CA PHE A 223 -3.34 -16.76 -8.88
C PHE A 223 -2.67 -16.96 -7.53
N GLY A 224 -3.14 -16.22 -6.52
CA GLY A 224 -2.50 -16.16 -5.21
C GLY A 224 -3.38 -16.49 -4.03
N GLY A 225 -4.64 -16.88 -4.27
CA GLY A 225 -5.51 -17.41 -3.21
C GLY A 225 -6.34 -16.40 -2.47
N LYS A 226 -5.85 -15.16 -2.37
CA LYS A 226 -6.48 -14.15 -1.52
C LYS A 226 -5.90 -12.79 -1.81
N ASN A 227 -6.70 -11.75 -1.55
CA ASN A 227 -6.22 -10.40 -1.51
C ASN A 227 -6.97 -9.68 -0.39
N PRO A 228 -6.25 -8.96 0.49
CA PRO A 228 -4.80 -8.78 0.53
C PRO A 228 -3.98 -10.04 0.80
N HIS A 229 -2.69 -9.90 0.56
CA HIS A 229 -1.66 -10.89 0.89
C HIS A 229 -1.76 -12.22 0.13
N PRO A 230 -1.73 -12.14 -1.20
CA PRO A 230 -1.63 -13.36 -1.99
C PRO A 230 -0.35 -14.14 -1.76
N ASN A 231 -0.40 -15.44 -2.02
CA ASN A 231 0.74 -16.31 -1.82
C ASN A 231 1.66 -16.32 -3.03
N TYR A 232 2.95 -16.39 -2.72
CA TYR A 232 4.02 -16.46 -3.70
C TYR A 232 4.81 -17.76 -3.42
N LEU A 233 5.87 -17.98 -4.19
CA LEU A 233 6.65 -19.23 -4.06
C LEU A 233 8.05 -19.04 -4.63
N VAL A 234 9.07 -19.48 -3.89
CA VAL A 234 10.44 -19.52 -4.42
C VAL A 234 10.49 -20.60 -5.50
N GLY A 235 10.83 -20.17 -6.71
CA GLY A 235 10.95 -21.09 -7.85
C GLY A 235 9.81 -21.02 -8.83
N GLY A 236 8.75 -20.27 -8.52
CA GLY A 236 7.67 -20.10 -9.48
C GLY A 236 6.40 -19.58 -8.86
N VAL A 237 5.29 -20.22 -9.17
CA VAL A 237 4.00 -19.88 -8.57
C VAL A 237 3.33 -21.17 -8.14
N PRO A 238 2.47 -21.11 -7.09
CA PRO A 238 1.79 -22.34 -6.65
C PRO A 238 0.59 -22.71 -7.50
N CYS A 239 0.13 -21.82 -8.37
CA CYS A 239 -1.17 -21.99 -9.04
C CYS A 239 -0.98 -22.84 -10.29
N ALA A 240 -0.84 -24.14 -10.06
CA ALA A 240 -0.63 -25.11 -11.13
C ALA A 240 -1.72 -25.08 -12.19
N ILE A 241 -1.30 -25.35 -13.43
CA ILE A 241 -2.12 -25.21 -14.62
C ILE A 241 -2.54 -26.58 -15.17
N ASN A 242 -3.83 -26.68 -15.50
CA ASN A 242 -4.39 -27.86 -16.13
C ASN A 242 -5.62 -27.44 -16.92
N LEU A 243 -5.54 -27.46 -18.23
CA LEU A 243 -6.70 -27.12 -19.06
C LEU A 243 -7.73 -28.27 -19.17
N ASP A 244 -7.27 -29.52 -19.23
CA ASP A 244 -8.20 -30.66 -19.42
C ASP A 244 -8.02 -31.78 -18.40
N GLY A 245 -6.84 -32.40 -18.39
CA GLY A 245 -6.50 -33.51 -17.48
C GLY A 245 -7.64 -34.13 -16.71
N GLY A 247 -8.46 -33.73 -13.65
CA GLY A 247 -8.91 -32.87 -12.56
C GLY A 247 -8.78 -31.39 -12.86
N ALA A 248 -8.99 -30.99 -14.12
CA ALA A 248 -8.86 -29.58 -14.52
C ALA A 248 -9.75 -28.63 -13.73
N ALA A 249 -10.94 -29.10 -13.35
CA ALA A 249 -11.84 -28.34 -12.46
C ALA A 249 -11.27 -28.10 -11.04
N SER A 250 -10.43 -29.03 -10.55
CA SER A 250 -9.78 -28.89 -9.23
C SER A 250 -8.41 -28.20 -9.29
N ALA A 251 -7.86 -28.05 -10.49
CA ALA A 251 -6.60 -27.33 -10.69
C ALA A 251 -6.74 -25.84 -10.38
N PRO A 252 -5.69 -25.24 -9.82
CA PRO A 252 -5.73 -23.79 -9.56
C PRO A 252 -6.03 -22.93 -10.79
N VAL A 253 -5.43 -23.27 -11.93
CA VAL A 253 -5.62 -22.50 -13.14
C VAL A 253 -6.06 -23.41 -14.27
N ASN A 254 -7.27 -23.15 -14.77
CA ASN A 254 -7.79 -23.80 -15.97
C ASN A 254 -8.25 -22.68 -16.90
N MET A 255 -8.80 -23.01 -18.05
CA MET A 255 -9.16 -21.99 -19.03
CA MET A 255 -9.16 -21.99 -19.03
C MET A 255 -10.24 -21.05 -18.49
N GLU A 256 -11.21 -21.60 -17.76
CA GLU A 256 -12.28 -20.76 -17.20
C GLU A 256 -11.70 -19.69 -16.28
N ARG A 257 -10.75 -20.08 -15.44
CA ARG A 257 -10.11 -19.12 -14.51
CA ARG A 257 -10.10 -19.13 -14.51
C ARG A 257 -9.34 -18.07 -15.30
N LEU A 258 -8.65 -18.48 -16.36
CA LEU A 258 -7.95 -17.52 -17.21
C LEU A 258 -8.91 -16.56 -17.93
N SER A 259 -10.05 -17.07 -18.40
CA SER A 259 -11.07 -16.20 -19.01
C SER A 259 -11.57 -15.16 -18.02
N PHE A 260 -11.78 -15.58 -16.78
CA PHE A 260 -12.20 -14.69 -15.69
C PHE A 260 -11.18 -13.56 -15.49
N VAL A 261 -9.91 -13.92 -15.47
CA VAL A 261 -8.84 -12.92 -15.32
C VAL A 261 -8.90 -11.89 -16.46
N LYS A 262 -9.06 -12.36 -17.69
CA LYS A 262 -9.15 -11.45 -18.83
C LYS A 262 -10.34 -10.50 -18.71
N ALA A 263 -11.48 -11.01 -18.26
CA ALA A 263 -12.65 -10.15 -18.06
C ALA A 263 -12.33 -9.04 -17.06
N ARG A 264 -11.57 -9.36 -16.01
CA ARG A 264 -11.23 -8.35 -15.00
C ARG A 264 -10.22 -7.35 -15.58
N ILE A 265 -9.27 -7.83 -16.38
CA ILE A 265 -8.32 -6.95 -17.04
C ILE A 265 -9.03 -5.97 -17.98
N ASP A 266 -10.01 -6.46 -18.74
CA ASP A 266 -10.73 -5.59 -19.68
C ASP A 266 -11.47 -4.47 -18.97
N GLU A 267 -12.05 -4.79 -17.81
CA GLU A 267 -12.74 -3.79 -16.99
C GLU A 267 -11.77 -2.72 -16.47
N ILE A 268 -10.57 -3.16 -16.07
CA ILE A 268 -9.51 -2.27 -15.66
C ILE A 268 -9.14 -1.28 -16.75
N ILE A 269 -9.00 -1.76 -17.97
N ILE A 269 -8.98 -1.78 -17.97
CA ILE A 269 -8.63 -0.90 -19.08
CA ILE A 269 -8.65 -0.95 -19.13
C ILE A 269 -9.67 0.19 -19.32
C ILE A 269 -9.67 0.19 -19.28
N GLU A 270 -10.95 -0.16 -19.18
CA GLU A 270 -12.03 0.81 -19.30
C GLU A 270 -12.02 1.84 -18.18
N PHE A 271 -11.82 1.38 -16.94
CA PHE A 271 -11.78 2.29 -15.82
C PHE A 271 -10.64 3.30 -15.95
N ASN A 272 -9.44 2.81 -16.26
CA ASN A 272 -8.28 3.72 -16.39
C ASN A 272 -8.48 4.75 -17.49
N LYS A 273 -8.97 4.28 -18.64
CA LYS A 273 -9.10 5.14 -19.81
C LYS A 273 -10.28 6.12 -19.70
N ASN A 274 -11.37 5.71 -19.06
CA ASN A 274 -12.62 6.51 -19.02
C ASN A 274 -12.85 7.30 -17.75
N VAL A 275 -12.28 6.85 -16.62
CA VAL A 275 -12.55 7.49 -15.33
C VAL A 275 -11.28 8.15 -14.77
N TYR A 276 -10.27 7.34 -14.50
CA TYR A 276 -9.12 7.80 -13.72
C TYR A 276 -8.25 8.80 -14.50
N VAL A 277 -7.75 8.42 -15.67
CA VAL A 277 -6.89 9.34 -16.42
C VAL A 277 -7.64 10.65 -16.76
N PRO A 278 -8.86 10.58 -17.32
CA PRO A 278 -9.53 11.84 -17.61
C PRO A 278 -9.77 12.74 -16.39
N ASP A 279 -10.10 12.15 -15.24
CA ASP A 279 -10.30 12.95 -14.03
C ASP A 279 -9.01 13.68 -13.62
N VAL A 280 -7.89 12.97 -13.68
CA VAL A 280 -6.63 13.58 -13.28
C VAL A 280 -6.21 14.66 -14.29
N LEU A 281 -6.42 14.42 -15.57
CA LEU A 281 -6.15 15.45 -16.56
C LEU A 281 -7.00 16.71 -16.32
N ALA A 282 -8.29 16.51 -16.02
CA ALA A 282 -9.20 17.65 -15.80
C ALA A 282 -8.87 18.42 -14.52
N ILE A 283 -8.68 17.69 -13.43
CA ILE A 283 -8.36 18.33 -12.16
C ILE A 283 -7.00 19.01 -12.26
N GLY A 284 -6.02 18.32 -12.87
CA GLY A 284 -4.72 18.92 -13.11
C GLY A 284 -4.76 20.19 -13.94
N THR A 285 -5.60 20.19 -14.97
CA THR A 285 -5.76 21.38 -15.82
C THR A 285 -6.27 22.57 -15.00
N LEU A 286 -7.27 22.33 -14.17
CA LEU A 286 -7.89 23.40 -13.40
C LEU A 286 -6.95 23.95 -12.31
N TYR A 287 -6.19 23.06 -11.65
CA TYR A 287 -5.18 23.55 -10.69
C TYR A 287 -3.99 24.23 -11.37
N LYS A 288 -3.65 23.79 -12.60
CA LYS A 288 -2.63 24.46 -13.40
C LYS A 288 -3.08 25.88 -13.75
N GLN A 289 -4.34 26.01 -14.18
CA GLN A 289 -4.93 27.32 -14.47
C GLN A 289 -4.88 28.26 -13.26
N ALA A 290 -5.09 27.71 -12.06
CA ALA A 290 -4.96 28.46 -10.81
C ALA A 290 -3.51 28.80 -10.43
N GLY A 291 -2.55 28.23 -11.15
CA GLY A 291 -1.13 28.50 -10.94
C GLY A 291 -0.48 27.65 -9.86
N TRP A 292 -1.12 26.54 -9.49
CA TRP A 292 -0.63 25.71 -8.38
C TRP A 292 0.34 24.64 -8.92
N LEU A 293 1.57 25.07 -9.19
CA LEU A 293 2.62 24.22 -9.80
CA LEU A 293 2.59 24.20 -9.79
C LEU A 293 3.72 23.91 -8.79
N TYR A 294 3.38 24.04 -7.51
CA TYR A 294 4.29 23.73 -6.42
C TYR A 294 4.51 22.23 -6.26
N GLY A 295 5.54 21.89 -5.51
CA GLY A 295 5.75 20.52 -5.06
C GLY A 295 6.74 19.69 -5.85
N GLY A 296 7.50 20.31 -6.75
CA GLY A 296 8.43 19.56 -7.60
C GLY A 296 9.56 18.91 -6.82
N GLY A 297 10.06 19.60 -5.80
CA GLY A 297 11.11 19.05 -4.94
C GLY A 297 12.30 18.53 -5.74
N LEU A 298 12.71 17.31 -5.43
CA LEU A 298 13.83 16.67 -6.13
C LEU A 298 13.49 16.19 -7.53
N ALA A 299 12.21 16.10 -7.88
CA ALA A 299 11.85 15.63 -9.23
C ALA A 299 12.43 16.52 -10.34
N ALA A 300 12.67 17.79 -10.02
CA ALA A 300 13.28 18.73 -10.95
C ALA A 300 14.75 18.45 -11.21
N THR A 301 15.40 17.64 -10.35
CA THR A 301 16.81 17.33 -10.50
C THR A 301 17.13 15.84 -10.55
N ASN A 302 16.81 15.11 -9.48
CA ASN A 302 17.36 13.78 -9.23
C ASN A 302 16.26 12.73 -9.13
N VAL A 303 16.19 11.79 -10.07
CA VAL A 303 15.18 10.72 -10.03
C VAL A 303 15.83 9.37 -10.29
N LEU A 304 15.25 8.32 -9.71
CA LEU A 304 15.81 6.97 -9.81
C LEU A 304 14.71 5.93 -9.87
N ASP A 305 14.94 4.87 -10.66
CA ASP A 305 14.18 3.62 -10.54
C ASP A 305 15.10 2.48 -11.01
N TYR A 306 14.89 1.26 -10.50
CA TYR A 306 15.71 0.12 -10.94
C TYR A 306 15.39 -0.36 -12.35
N GLY A 307 14.22 -0.02 -12.88
CA GLY A 307 13.78 -0.46 -14.20
C GLY A 307 13.07 -1.80 -14.07
N GLU A 308 12.01 -1.99 -14.85
CA GLU A 308 11.11 -3.11 -14.65
C GLU A 308 10.33 -3.48 -15.91
N TYR A 309 9.77 -4.70 -15.89
CA TYR A 309 8.85 -5.22 -16.91
C TYR A 309 9.56 -5.48 -18.25
N PRO A 310 10.58 -6.36 -18.24
CA PRO A 310 11.28 -6.67 -19.48
C PRO A 310 10.38 -7.48 -20.39
N ASN A 311 10.21 -7.05 -21.64
CA ASN A 311 9.35 -7.85 -22.51
C ASN A 311 10.03 -9.18 -22.94
N VAL A 312 11.34 -9.30 -22.69
CA VAL A 312 12.02 -10.62 -22.68
C VAL A 312 12.59 -10.90 -21.28
N ALA A 313 12.07 -11.94 -20.63
CA ALA A 313 12.46 -12.28 -19.26
C ALA A 313 13.98 -12.37 -19.09
N TYR A 314 14.46 -11.84 -17.97
CA TYR A 314 15.89 -11.82 -17.63
C TYR A 314 16.78 -11.01 -18.63
N ASN A 315 16.17 -10.17 -19.48
CA ASN A 315 16.89 -9.29 -20.41
C ASN A 315 16.53 -7.84 -20.13
N LYS A 316 17.39 -7.18 -19.38
CA LYS A 316 17.05 -5.90 -18.80
C LYS A 316 17.00 -4.73 -19.79
N SER A 317 17.71 -4.84 -20.92
CA SER A 317 17.61 -3.81 -21.97
C SER A 317 16.19 -3.70 -22.56
N THR A 318 15.34 -4.71 -22.33
CA THR A 318 13.97 -4.68 -22.83
C THR A 318 12.93 -4.23 -21.79
N ASP A 319 13.38 -3.65 -20.67
CA ASP A 319 12.44 -3.09 -19.66
C ASP A 319 11.47 -2.08 -20.28
N GLN A 320 10.18 -2.29 -20.02
CA GLN A 320 9.13 -1.43 -20.58
C GLN A 320 8.91 -0.20 -19.69
N LEU A 321 9.40 -0.27 -18.44
CA LEU A 321 9.64 0.94 -17.65
C LEU A 321 11.15 0.98 -17.38
N PRO A 322 11.91 1.49 -18.35
CA PRO A 322 13.36 1.46 -18.20
C PRO A 322 13.83 2.43 -17.15
N GLY A 323 14.81 2.01 -16.36
CA GLY A 323 15.23 2.77 -15.19
C GLY A 323 16.61 3.36 -15.33
N GLY A 324 17.22 3.61 -14.19
CA GLY A 324 18.49 4.31 -14.10
C GLY A 324 18.35 5.50 -13.18
N ALA A 325 19.30 6.43 -13.29
CA ALA A 325 19.33 7.63 -12.49
C ALA A 325 19.58 8.85 -13.36
N ILE A 326 18.84 9.92 -13.09
CA ILE A 326 19.06 11.23 -13.68
C ILE A 326 19.53 12.15 -12.56
N LEU A 327 20.54 12.97 -12.84
CA LEU A 327 21.01 13.97 -11.89
C LEU A 327 20.92 15.38 -12.47
N ASN A 328 20.73 16.35 -11.58
CA ASN A 328 20.82 17.77 -11.91
C ASN A 328 19.85 18.27 -13.00
N GLY A 329 18.75 17.53 -13.20
CA GLY A 329 17.76 17.89 -14.18
C GLY A 329 18.21 17.66 -15.61
N ASN A 330 19.31 16.91 -15.79
CA ASN A 330 19.81 16.62 -17.12
C ASN A 330 19.15 15.36 -17.68
N TRP A 331 18.11 15.56 -18.49
CA TRP A 331 17.33 14.46 -19.07
C TRP A 331 17.99 13.84 -20.30
N ASP A 332 19.14 14.37 -20.73
CA ASP A 332 19.88 13.80 -21.85
C ASP A 332 20.85 12.70 -21.43
N GLU A 333 20.99 12.46 -20.12
CA GLU A 333 21.96 11.48 -19.61
C GLU A 333 21.33 10.62 -18.50
N VAL A 334 21.06 9.36 -18.81
CA VAL A 334 20.58 8.41 -17.80
C VAL A 334 21.73 7.50 -17.39
N PHE A 335 22.11 7.57 -16.12
CA PHE A 335 23.15 6.69 -15.57
C PHE A 335 22.57 5.32 -15.23
N PRO A 336 23.34 4.25 -15.48
CA PRO A 336 22.86 2.92 -15.08
C PRO A 336 22.88 2.75 -13.56
N VAL A 337 21.88 2.04 -13.03
CA VAL A 337 21.83 1.77 -11.60
C VAL A 337 22.00 0.27 -11.40
N ASP A 338 22.95 -0.10 -10.55
CA ASP A 338 23.28 -1.50 -10.28
C ASP A 338 23.06 -1.72 -8.79
N PRO A 339 22.01 -2.50 -8.43
CA PRO A 339 21.78 -2.78 -7.01
C PRO A 339 22.85 -3.61 -6.31
N ARG A 340 23.78 -4.21 -7.07
CA ARG A 340 24.85 -5.04 -6.48
C ARG A 340 26.09 -4.22 -6.07
N ASP A 341 26.18 -2.99 -6.58
CA ASP A 341 27.37 -2.14 -6.42
C ASP A 341 27.35 -1.47 -5.05
N SER A 342 28.34 -1.77 -4.22
CA SER A 342 28.38 -1.26 -2.85
C SER A 342 28.52 0.27 -2.77
N GLN A 343 28.95 0.90 -3.87
CA GLN A 343 29.11 2.36 -3.91
C GLN A 343 27.89 3.11 -4.44
N GLN A 344 26.83 2.39 -4.82
CA GLN A 344 25.65 3.03 -5.38
C GLN A 344 24.57 3.20 -4.30
N VAL A 345 23.68 2.21 -4.11
CA VAL A 345 22.66 2.33 -3.08
C VAL A 345 23.25 2.15 -1.66
N GLN A 346 23.12 3.16 -0.82
CA GLN A 346 23.60 3.11 0.57
C GLN A 346 22.60 3.78 1.49
N GLU A 347 22.54 3.36 2.76
CA GLU A 347 21.65 3.97 3.74
C GLU A 347 22.42 4.55 4.90
N PHE A 348 22.13 5.82 5.19
CA PHE A 348 22.64 6.54 6.37
C PHE A 348 21.61 6.50 7.51
N VAL A 349 22.09 6.58 8.75
CA VAL A 349 21.21 6.69 9.91
C VAL A 349 21.56 7.89 10.81
N SER A 350 22.33 8.82 10.26
CA SER A 350 22.77 10.02 11.01
C SER A 350 21.60 10.73 11.69
N HIS A 351 20.48 10.85 10.97
CA HIS A 351 19.28 11.48 11.50
C HIS A 351 18.10 10.53 11.69
N SER A 352 18.40 9.25 11.88
CA SER A 352 17.39 8.20 12.08
C SER A 352 17.59 7.54 13.44
N TRP A 353 16.52 6.94 13.98
CA TRP A 353 16.58 6.25 15.27
C TRP A 353 17.20 4.84 15.18
N TYR A 354 18.41 4.78 14.64
CA TYR A 354 19.23 3.56 14.57
C TYR A 354 20.66 3.92 14.92
N LYS A 355 21.48 2.89 15.05
CA LYS A 355 22.89 3.04 15.36
C LYS A 355 23.77 2.24 14.42
N TYR A 356 24.81 2.89 13.90
CA TYR A 356 25.93 2.23 13.26
C TYR A 356 27.15 2.48 14.14
N ALA A 357 28.17 1.67 13.91
CA ALA A 357 29.52 1.94 14.45
C ALA A 357 29.96 3.35 14.09
N ASP A 358 29.85 3.67 12.79
CA ASP A 358 30.24 4.97 12.28
C ASP A 358 29.13 5.53 11.40
N GLU A 359 28.45 6.56 11.91
CA GLU A 359 27.29 7.13 11.24
C GLU A 359 27.64 8.21 10.20
N SER A 360 28.93 8.40 9.94
CA SER A 360 29.36 9.25 8.84
C SER A 360 29.36 8.51 7.50
N VAL A 361 29.10 7.20 7.49
CA VAL A 361 29.05 6.47 6.23
C VAL A 361 27.69 5.82 6.03
N GLY A 362 27.42 5.56 4.77
CA GLY A 362 26.21 4.84 4.38
C GLY A 362 26.56 3.41 4.03
N LEU A 363 25.69 2.49 4.43
CA LEU A 363 25.90 1.06 4.22
C LEU A 363 25.07 0.57 3.05
N HIS A 364 25.72 -0.13 2.12
CA HIS A 364 25.01 -0.88 1.09
C HIS A 364 24.21 -1.99 1.80
N PRO A 365 23.03 -2.36 1.26
CA PRO A 365 22.15 -3.22 2.07
C PRO A 365 22.65 -4.66 2.33
N TRP A 366 23.54 -5.19 1.49
CA TRP A 366 24.22 -6.46 1.86
C TRP A 366 25.04 -6.34 3.14
N ASP A 367 25.43 -5.11 3.50
CA ASP A 367 26.16 -4.82 4.73
C ASP A 367 25.30 -4.06 5.73
N GLY A 368 23.99 -4.04 5.52
CA GLY A 368 23.13 -3.20 6.34
C GLY A 368 22.98 -3.70 7.77
N VAL A 369 22.64 -2.76 8.65
CA VAL A 369 22.51 -2.99 10.08
C VAL A 369 21.25 -2.28 10.55
N THR A 370 20.43 -2.96 11.34
CA THR A 370 19.22 -2.37 11.90
C THR A 370 19.19 -2.59 13.41
N GLU A 371 19.85 -1.69 14.13
CA GLU A 371 19.83 -1.67 15.59
C GLU A 371 19.13 -0.40 16.02
N PRO A 372 17.97 -0.51 16.72
CA PRO A 372 17.23 0.68 17.10
C PRO A 372 17.96 1.56 18.12
N ASN A 373 17.70 2.87 18.03
CA ASN A 373 18.25 3.82 18.98
C ASN A 373 17.32 5.03 19.04
N TYR A 374 16.24 4.88 19.79
CA TYR A 374 15.28 5.94 19.97
C TYR A 374 15.82 6.94 21.01
N VAL A 375 16.21 8.12 20.53
CA VAL A 375 16.78 9.18 21.37
C VAL A 375 16.45 10.52 20.71
N LEU A 376 16.05 11.50 21.52
CA LEU A 376 15.64 12.82 21.02
C LEU A 376 16.73 13.85 21.25
N GLY A 377 16.77 14.84 20.37
CA GLY A 377 17.80 15.86 20.36
C GLY A 377 17.63 16.87 21.50
N ALA A 378 18.70 17.59 21.75
CA ALA A 378 18.73 18.56 22.86
C ALA A 378 17.73 19.71 22.70
N ASN A 379 17.36 20.02 21.46
CA ASN A 379 16.45 21.13 21.16
C ASN A 379 14.97 20.71 21.05
N THR A 380 14.67 19.47 21.42
CA THR A 380 13.30 19.01 21.49
C THR A 380 12.48 19.86 22.45
N LYS A 381 11.28 20.24 22.03
N LYS A 381 11.28 20.25 22.02
CA LYS A 381 10.27 20.78 22.93
CA LYS A 381 10.26 20.77 22.92
C LYS A 381 9.37 19.62 23.33
C LYS A 381 9.37 19.61 23.33
N GLY A 382 9.30 19.36 24.64
CA GLY A 382 8.57 18.24 25.20
C GLY A 382 9.53 17.21 25.75
N THR A 383 9.02 16.00 25.96
CA THR A 383 9.76 14.90 26.57
C THR A 383 9.89 13.72 25.60
N ARG A 384 10.69 12.73 26.01
CA ARG A 384 10.85 11.46 25.26
C ARG A 384 9.53 10.80 24.85
N THR A 385 8.49 10.96 25.66
CA THR A 385 7.19 10.31 25.39
C THR A 385 6.06 11.32 25.16
N ARG A 386 6.40 12.60 25.01
CA ARG A 386 5.42 13.63 24.73
C ARG A 386 6.07 14.77 23.95
N ILE A 387 6.20 14.56 22.64
CA ILE A 387 6.92 15.45 21.77
C ILE A 387 5.99 16.59 21.34
N GLU A 388 6.42 17.84 21.54
CA GLU A 388 5.68 19.00 21.05
C GLU A 388 6.27 19.52 19.73
N GLN A 389 7.59 19.60 19.70
CA GLN A 389 8.31 19.97 18.48
CA GLN A 389 8.32 19.99 18.50
C GLN A 389 9.58 19.14 18.39
N ILE A 390 9.63 18.30 17.35
CA ILE A 390 10.77 17.45 17.12
C ILE A 390 12.02 18.25 16.72
N ASP A 391 13.18 17.73 17.11
CA ASP A 391 14.48 18.35 16.83
C ASP A 391 15.15 17.67 15.64
N GLU A 392 14.97 18.26 14.45
CA GLU A 392 15.53 17.73 13.21
C GLU A 392 17.04 17.92 13.05
N SER A 393 17.69 18.64 13.97
CA SER A 393 19.15 18.68 13.95
C SER A 393 19.76 17.36 14.45
N ALA A 394 18.97 16.54 15.14
CA ALA A 394 19.43 15.28 15.70
C ALA A 394 18.68 14.11 15.01
N LYS A 395 18.39 13.03 15.73
CA LYS A 395 17.65 11.90 15.14
C LYS A 395 16.15 12.12 15.26
N TYR A 396 15.44 12.02 14.13
CA TYR A 396 14.05 12.43 14.10
C TYR A 396 13.12 11.53 13.29
N SER A 397 13.49 10.28 13.04
CA SER A 397 12.66 9.41 12.22
C SER A 397 13.06 7.94 12.35
N TRP A 398 12.07 7.06 12.23
CA TRP A 398 12.30 5.62 12.11
C TRP A 398 12.68 5.22 10.67
N ILE A 399 12.71 6.17 9.74
CA ILE A 399 13.09 5.90 8.34
C ILE A 399 14.60 6.10 8.20
N LYS A 400 15.30 5.13 7.62
CA LYS A 400 16.70 5.32 7.21
C LYS A 400 16.82 6.30 6.04
N SER A 401 18.05 6.69 5.67
CA SER A 401 18.28 7.65 4.62
C SER A 401 18.99 7.04 3.42
N PRO A 402 18.23 6.49 2.45
CA PRO A 402 18.90 5.95 1.28
C PRO A 402 19.38 7.04 0.34
N ARG A 403 20.54 6.82 -0.25
CA ARG A 403 21.14 7.72 -1.23
C ARG A 403 21.74 6.88 -2.34
N TRP A 404 21.90 7.47 -3.53
CA TRP A 404 22.53 6.79 -4.67
C TRP A 404 23.82 7.52 -5.00
N ARG A 405 24.95 6.84 -4.79
CA ARG A 405 26.26 7.48 -4.93
C ARG A 405 26.30 8.79 -4.14
N GLY A 406 25.67 8.79 -2.97
CA GLY A 406 25.62 9.97 -2.10
C GLY A 406 24.54 10.99 -2.43
N HIS A 407 23.87 10.83 -3.58
CA HIS A 407 22.85 11.78 -4.03
C HIS A 407 21.47 11.43 -3.48
N ALA A 408 20.71 12.44 -3.09
CA ALA A 408 19.31 12.27 -2.70
C ALA A 408 18.44 12.27 -3.95
N MET A 409 17.56 11.27 -4.04
CA MET A 409 16.77 10.99 -5.24
C MET A 409 15.30 10.92 -4.90
N GLU A 410 14.44 11.30 -5.84
CA GLU A 410 13.02 10.97 -5.76
C GLU A 410 12.78 9.67 -6.53
N VAL A 411 11.89 8.84 -5.99
CA VAL A 411 11.46 7.60 -6.65
C VAL A 411 9.95 7.64 -6.79
N GLY A 412 9.41 6.82 -7.70
CA GLY A 412 7.98 6.67 -7.87
C GLY A 412 7.56 6.74 -9.31
N PRO A 413 6.23 6.71 -9.56
CA PRO A 413 5.76 6.76 -10.95
C PRO A 413 6.29 7.96 -11.71
N LEU A 414 6.32 9.13 -11.08
CA LEU A 414 6.88 10.31 -11.74
C LEU A 414 8.32 10.08 -12.17
N SER A 415 9.14 9.55 -11.26
CA SER A 415 10.52 9.23 -11.60
C SER A 415 10.60 8.26 -12.79
N ARG A 416 9.75 7.23 -12.78
CA ARG A 416 9.72 6.27 -13.88
C ARG A 416 9.30 6.92 -15.21
N TYR A 417 8.39 7.88 -15.14
CA TYR A 417 7.91 8.55 -16.36
C TYR A 417 8.94 9.56 -16.92
N ILE A 418 9.64 10.26 -16.03
CA ILE A 418 10.77 11.09 -16.46
C ILE A 418 11.87 10.23 -17.07
N LEU A 419 12.21 9.12 -16.40
CA LEU A 419 13.20 8.19 -16.95
C LEU A 419 12.75 7.61 -18.30
N ALA A 420 11.49 7.19 -18.38
CA ALA A 420 10.97 6.66 -19.64
C ALA A 420 11.05 7.69 -20.76
N TYR A 421 10.71 8.93 -20.44
CA TYR A 421 10.77 10.01 -21.42
C TYR A 421 12.20 10.24 -21.91
N ALA A 422 13.14 10.28 -20.97
CA ALA A 422 14.56 10.44 -21.30
C ALA A 422 15.06 9.28 -22.18
N HIS A 423 14.70 8.05 -21.80
CA HIS A 423 15.05 6.87 -22.58
C HIS A 423 14.48 6.94 -23.99
N ALA A 424 13.19 7.26 -24.09
CA ALA A 424 12.50 7.34 -25.39
C ALA A 424 13.16 8.37 -26.30
N ARG A 425 13.53 9.50 -25.72
CA ARG A 425 14.17 10.57 -26.48
C ARG A 425 15.58 10.18 -26.95
N SER A 426 16.25 9.28 -26.22
CA SER A 426 17.56 8.77 -26.61
C SER A 426 17.49 7.58 -27.61
N GLY A 427 16.29 7.16 -27.99
CA GLY A 427 16.11 6.09 -28.99
C GLY A 427 15.64 4.74 -28.45
N ASN A 428 15.36 4.66 -27.15
CA ASN A 428 14.81 3.44 -26.56
C ASN A 428 13.35 3.24 -26.95
N LYS A 429 13.09 2.27 -27.81
CA LYS A 429 11.74 2.03 -28.33
C LYS A 429 10.81 1.41 -27.31
N TYR A 430 11.35 0.78 -26.27
CA TYR A 430 10.52 0.12 -25.26
C TYR A 430 9.75 1.13 -24.39
N ALA A 431 10.20 2.39 -24.41
CA ALA A 431 9.55 3.45 -23.64
C ALA A 431 8.61 4.32 -24.49
N GLU A 432 8.23 3.87 -25.69
CA GLU A 432 7.40 4.69 -26.58
CA GLU A 432 7.40 4.70 -26.57
C GLU A 432 6.03 5.00 -25.98
N ARG A 433 5.42 4.03 -25.32
CA ARG A 433 4.07 4.23 -24.82
C ARG A 433 4.00 5.32 -23.72
N PRO A 434 4.88 5.25 -22.68
CA PRO A 434 4.85 6.33 -21.70
C PRO A 434 5.15 7.71 -22.32
N LYS A 435 6.07 7.77 -23.29
CA LYS A 435 6.35 9.01 -24.02
C LYS A 435 5.07 9.56 -24.68
N GLU A 436 4.36 8.67 -25.37
CA GLU A 436 3.08 9.03 -26.02
C GLU A 436 2.07 9.55 -25.00
N GLN A 437 1.93 8.86 -23.87
CA GLN A 437 0.98 9.27 -22.83
C GLN A 437 1.30 10.67 -22.32
N LEU A 438 2.59 10.95 -22.13
CA LEU A 438 3.04 12.24 -21.62
C LEU A 438 2.73 13.36 -22.60
N GLU A 439 3.05 13.12 -23.88
CA GLU A 439 2.78 14.11 -24.93
C GLU A 439 1.28 14.37 -25.10
N TYR A 440 0.48 13.30 -25.06
CA TYR A 440 -0.97 13.42 -25.07
C TYR A 440 -1.44 14.22 -23.87
N SER A 441 -0.91 13.90 -22.69
CA SER A 441 -1.34 14.56 -21.46
C SER A 441 -1.04 16.07 -21.48
N ALA A 442 0.15 16.42 -21.93
CA ALA A 442 0.55 17.83 -22.03
C ALA A 442 -0.37 18.60 -22.98
N GLN A 443 -0.72 17.98 -24.11
CA GLN A 443 -1.64 18.62 -25.07
C GLN A 443 -3.03 18.79 -24.47
N MET A 444 -3.50 17.80 -23.72
CA MET A 444 -4.78 17.90 -23.05
C MET A 444 -4.79 19.00 -22.00
N ILE A 445 -3.74 19.07 -21.20
CA ILE A 445 -3.66 20.02 -20.08
C ILE A 445 -3.43 21.45 -20.58
N ASN A 446 -2.62 21.58 -21.62
CA ASN A 446 -2.32 22.90 -22.20
C ASN A 446 -3.39 23.47 -23.11
N SER A 447 -4.02 22.62 -23.93
CA SER A 447 -4.83 23.09 -25.07
CA SER A 447 -4.83 23.09 -25.07
CA SER A 447 -4.85 23.11 -25.05
C SER A 447 -6.25 22.50 -25.09
N ALA A 448 -6.35 21.18 -25.20
CA ALA A 448 -7.66 20.55 -25.43
C ALA A 448 -8.67 20.78 -24.31
N ILE A 449 -8.24 20.58 -23.06
CA ILE A 449 -9.16 20.76 -21.95
C ILE A 449 -9.48 22.24 -21.71
N PRO A 450 -8.45 23.11 -21.76
CA PRO A 450 -8.78 24.55 -21.68
C PRO A 450 -9.77 24.99 -22.76
N LYS A 451 -9.55 24.59 -24.00
CA LYS A 451 -10.49 24.90 -25.11
C LYS A 451 -11.91 24.44 -24.78
N ALA A 452 -12.04 23.21 -24.31
CA ALA A 452 -13.34 22.62 -23.99
C ALA A 452 -14.06 23.34 -22.84
N LEU A 453 -13.28 23.89 -21.90
CA LEU A 453 -13.82 24.58 -20.73
C LEU A 453 -13.83 26.12 -20.85
N GLY A 454 -13.38 26.63 -21.99
CA GLY A 454 -13.34 28.08 -22.23
C GLY A 454 -12.30 28.79 -21.38
N LEU A 455 -11.16 28.14 -21.16
CA LEU A 455 -10.06 28.71 -20.40
C LEU A 455 -8.94 29.03 -21.35
N PRO A 456 -8.03 29.94 -20.97
CA PRO A 456 -6.89 30.23 -21.85
C PRO A 456 -6.00 29.02 -22.07
N GLU A 457 -5.54 28.82 -23.30
N GLU A 457 -5.52 28.85 -23.30
CA GLU A 457 -4.57 27.77 -23.57
CA GLU A 457 -4.54 27.82 -23.63
C GLU A 457 -3.21 28.20 -23.05
C GLU A 457 -3.19 28.22 -23.04
N THR A 458 -2.43 27.24 -22.54
CA THR A 458 -1.10 27.50 -21.99
C THR A 458 -0.06 26.74 -22.82
N GLN A 459 1.22 27.00 -22.54
CA GLN A 459 2.32 26.41 -23.31
C GLN A 459 3.42 25.83 -22.42
N TYR A 460 3.03 25.14 -21.35
CA TYR A 460 4.00 24.51 -20.46
C TYR A 460 4.66 23.33 -21.17
N THR A 461 5.97 23.20 -20.98
CA THR A 461 6.71 22.04 -21.44
C THR A 461 6.57 20.91 -20.43
N LEU A 462 6.92 19.69 -20.83
CA LEU A 462 6.98 18.56 -19.87
C LEU A 462 8.03 18.82 -18.77
N LYS A 463 9.10 19.52 -19.11
CA LYS A 463 10.11 19.93 -18.12
C LYS A 463 9.51 20.81 -17.01
N GLN A 464 8.50 21.61 -17.36
CA GLN A 464 7.80 22.47 -16.41
C GLN A 464 6.64 21.77 -15.69
N LEU A 465 5.84 21.01 -16.43
CA LEU A 465 4.65 20.38 -15.86
CA LEU A 465 4.65 20.38 -15.86
C LEU A 465 4.99 19.20 -14.96
N LEU A 466 5.95 18.37 -15.37
CA LEU A 466 6.17 17.11 -14.66
C LEU A 466 6.73 17.27 -13.24
N PRO A 467 7.76 18.11 -13.03
CA PRO A 467 8.27 18.28 -11.66
C PRO A 467 7.38 19.23 -10.84
N SER A 468 6.27 18.67 -10.38
CA SER A 468 5.27 19.39 -9.64
C SER A 468 4.34 18.34 -9.00
N THR A 469 3.61 18.76 -7.98
CA THR A 469 2.62 17.89 -7.36
C THR A 469 1.57 17.43 -8.39
N ILE A 470 1.14 18.31 -9.28
CA ILE A 470 0.25 17.92 -10.37
C ILE A 470 0.91 16.84 -11.25
N GLY A 471 2.16 17.05 -11.63
CA GLY A 471 2.85 16.10 -12.48
C GLY A 471 3.01 14.75 -11.82
N ARG A 472 3.27 14.76 -10.52
CA ARG A 472 3.46 13.53 -9.77
C ARG A 472 2.16 12.72 -9.72
N THR A 473 1.05 13.42 -9.59
CA THR A 473 -0.27 12.82 -9.57
C THR A 473 -0.64 12.28 -10.97
N LEU A 474 -0.33 13.06 -11.99
CA LEU A 474 -0.52 12.65 -13.39
C LEU A 474 0.27 11.38 -13.72
N ALA A 475 1.55 11.35 -13.38
CA ALA A 475 2.37 10.18 -13.75
C ALA A 475 1.80 8.90 -13.15
N ARG A 476 1.29 8.97 -11.92
CA ARG A 476 0.66 7.81 -11.29
C ARG A 476 -0.53 7.29 -12.10
N ALA A 477 -1.40 8.19 -12.55
CA ALA A 477 -2.56 7.80 -13.35
C ALA A 477 -2.13 7.18 -14.68
N LEU A 478 -1.14 7.80 -15.34
CA LEU A 478 -0.65 7.27 -16.61
C LEU A 478 -0.02 5.91 -16.42
N GLU A 479 0.70 5.73 -15.32
CA GLU A 479 1.30 4.45 -15.03
C GLU A 479 0.25 3.37 -14.82
N SER A 480 -0.81 3.68 -14.10
CA SER A 480 -1.93 2.75 -13.94
C SER A 480 -2.46 2.29 -15.31
N GLN A 481 -2.71 3.25 -16.20
CA GLN A 481 -3.19 2.93 -17.54
C GLN A 481 -2.23 2.01 -18.27
N TYR A 482 -0.94 2.35 -18.24
CA TYR A 482 0.10 1.57 -18.92
C TYR A 482 0.20 0.16 -18.37
N CYS A 483 0.10 0.01 -17.05
CA CYS A 483 0.18 -1.32 -16.45
C CYS A 483 -1.02 -2.18 -16.84
N GLY A 484 -2.20 -1.58 -16.95
CA GLY A 484 -3.38 -2.33 -17.42
C GLY A 484 -3.18 -2.81 -18.85
N GLU A 485 -2.63 -1.93 -19.69
CA GLU A 485 -2.33 -2.29 -21.09
C GLU A 485 -1.32 -3.42 -21.17
N MET A 486 -0.26 -3.34 -20.37
CA MET A 486 0.78 -4.36 -20.40
C MET A 486 0.25 -5.72 -19.93
N MET A 487 -0.53 -5.76 -18.86
CA MET A 487 -0.98 -7.08 -18.40
C MET A 487 -2.01 -7.69 -19.35
N HIS A 488 -2.68 -6.85 -20.13
CA HIS A 488 -3.58 -7.32 -21.20
C HIS A 488 -2.79 -8.13 -22.24
N SER A 489 -1.61 -7.63 -22.59
CA SER A 489 -0.69 -8.37 -23.46
CA SER A 489 -0.65 -8.35 -23.46
C SER A 489 -0.10 -9.59 -22.76
N ASP A 490 0.27 -9.45 -21.50
CA ASP A 490 0.84 -10.59 -20.76
C ASP A 490 -0.12 -11.78 -20.71
N TRP A 491 -1.42 -11.48 -20.55
CA TRP A 491 -2.46 -12.51 -20.53
C TRP A 491 -2.44 -13.30 -21.84
N HIS A 492 -2.39 -12.58 -22.96
CA HIS A 492 -2.34 -13.27 -24.25
C HIS A 492 -1.10 -14.13 -24.37
N ASP A 493 0.05 -13.63 -23.89
CA ASP A 493 1.28 -14.43 -23.96
C ASP A 493 1.22 -15.67 -23.09
N LEU A 494 0.59 -15.55 -21.92
CA LEU A 494 0.42 -16.67 -21.01
C LEU A 494 -0.44 -17.76 -21.65
N VAL A 495 -1.59 -17.38 -22.17
CA VAL A 495 -2.54 -18.34 -22.75
C VAL A 495 -1.89 -19.00 -23.98
N ALA A 496 -1.18 -18.21 -24.79
CA ALA A 496 -0.49 -18.76 -25.97
C ALA A 496 0.57 -19.78 -25.57
N ASN A 497 1.33 -19.48 -24.53
CA ASN A 497 2.38 -20.38 -24.08
C ASN A 497 1.81 -21.70 -23.53
N ILE A 498 0.73 -21.61 -22.77
CA ILE A 498 0.06 -22.78 -22.23
C ILE A 498 -0.49 -23.65 -23.38
N ARG A 499 -1.17 -23.00 -24.33
CA ARG A 499 -1.76 -23.73 -25.46
C ARG A 499 -0.71 -24.39 -26.36
N ALA A 500 0.48 -23.81 -26.40
CA ALA A 500 1.60 -24.39 -27.15
C ALA A 500 2.22 -25.60 -26.45
N GLY A 501 1.80 -25.86 -25.22
CA GLY A 501 2.16 -27.08 -24.50
C GLY A 501 3.08 -26.86 -23.31
N ASP A 502 3.44 -25.62 -22.99
CA ASP A 502 4.23 -25.35 -21.80
C ASP A 502 3.31 -24.99 -20.64
N THR A 503 3.09 -25.96 -19.76
CA THR A 503 2.22 -25.75 -18.62
C THR A 503 2.99 -25.57 -17.31
N ALA A 504 4.32 -25.49 -17.38
CA ALA A 504 5.15 -25.47 -16.16
C ALA A 504 4.92 -24.18 -15.37
N THR A 505 4.84 -24.33 -14.06
CA THR A 505 4.72 -23.17 -13.15
C THR A 505 5.79 -23.09 -12.08
N ALA A 506 6.55 -24.15 -11.81
CA ALA A 506 7.60 -24.07 -10.79
C ALA A 506 8.84 -24.87 -11.17
N ASN A 507 10.00 -24.28 -10.88
CA ASN A 507 11.27 -24.95 -10.94
C ASN A 507 11.61 -25.38 -9.52
N VAL A 508 11.62 -26.69 -9.27
CA VAL A 508 11.90 -27.26 -7.95
C VAL A 508 13.28 -27.90 -7.84
N ASP A 509 14.14 -27.68 -8.83
CA ASP A 509 15.48 -28.30 -8.83
C ASP A 509 16.27 -27.95 -7.57
N LYS A 510 16.12 -26.71 -7.10
CA LYS A 510 16.79 -26.24 -5.87
C LYS A 510 15.82 -25.89 -4.73
N TRP A 511 14.66 -26.55 -4.70
CA TRP A 511 13.73 -26.33 -3.58
C TRP A 511 14.33 -26.81 -2.25
N ASP A 512 15.01 -27.95 -2.27
CA ASP A 512 15.53 -28.54 -1.04
C ASP A 512 16.85 -27.87 -0.66
N PRO A 513 16.97 -27.44 0.61
CA PRO A 513 18.20 -26.72 0.97
C PRO A 513 19.47 -27.57 0.92
N ALA A 514 19.34 -28.90 0.87
CA ALA A 514 20.51 -29.76 0.64
C ALA A 514 21.17 -29.55 -0.72
N THR A 515 20.47 -28.91 -1.65
CA THR A 515 21.03 -28.57 -2.96
C THR A 515 21.71 -27.21 -3.00
N TRP A 516 21.60 -26.42 -1.93
CA TRP A 516 22.06 -25.05 -1.97
C TRP A 516 23.54 -24.93 -1.74
N PRO A 517 24.14 -23.86 -2.28
CA PRO A 517 25.46 -23.49 -1.80
C PRO A 517 25.41 -23.14 -0.32
N LEU A 518 26.49 -23.41 0.41
CA LEU A 518 26.50 -23.23 1.86
C LEU A 518 26.46 -21.76 2.27
N GLN A 519 26.89 -20.87 1.37
CA GLN A 519 26.52 -19.48 1.50
C GLN A 519 26.28 -18.84 0.16
N ALA A 520 25.49 -17.78 0.17
CA ALA A 520 25.08 -17.11 -1.05
C ALA A 520 24.51 -15.75 -0.69
N LYS A 521 24.54 -14.84 -1.65
CA LYS A 521 23.87 -13.56 -1.49
C LYS A 521 23.08 -13.25 -2.75
N GLY A 522 21.99 -12.52 -2.60
CA GLY A 522 21.16 -12.20 -3.73
C GLY A 522 20.43 -10.90 -3.51
N VAL A 523 19.92 -10.35 -4.60
CA VAL A 523 19.13 -9.11 -4.54
C VAL A 523 17.93 -9.28 -5.48
N GLY A 524 16.80 -8.76 -5.04
CA GLY A 524 15.59 -8.73 -5.87
C GLY A 524 15.10 -7.31 -5.90
N THR A 525 14.84 -6.79 -7.08
CA THR A 525 14.26 -5.46 -7.23
C THR A 525 12.90 -5.52 -7.90
N VAL A 526 12.07 -4.52 -7.59
CA VAL A 526 10.71 -4.40 -8.09
C VAL A 526 10.42 -2.92 -8.30
N ALA A 527 9.81 -2.57 -9.43
CA ALA A 527 9.20 -1.26 -9.56
C ALA A 527 7.85 -1.33 -8.85
N ALA A 528 7.91 -1.12 -7.55
CA ALA A 528 6.71 -1.15 -6.74
C ALA A 528 5.86 0.10 -7.02
N PRO A 529 4.59 0.09 -6.61
CA PRO A 529 3.74 1.27 -6.90
C PRO A 529 4.30 2.64 -6.52
N ARG A 530 5.06 2.72 -5.43
CA ARG A 530 5.60 3.99 -4.97
C ARG A 530 7.03 4.28 -5.40
N GLY A 531 7.67 3.34 -6.11
CA GLY A 531 9.03 3.56 -6.63
C GLY A 531 9.91 2.34 -6.56
N ALA A 532 11.17 2.57 -6.27
CA ALA A 532 12.21 1.56 -6.40
C ALA A 532 12.30 0.74 -5.12
N LEU A 533 11.97 -0.55 -5.20
CA LEU A 533 12.03 -1.47 -4.08
C LEU A 533 13.17 -2.47 -4.29
N GLY A 534 13.95 -2.68 -3.24
CA GLY A 534 14.93 -3.75 -3.24
C GLY A 534 14.98 -4.52 -1.93
N HIS A 535 15.22 -5.83 -2.04
CA HIS A 535 15.51 -6.70 -0.91
C HIS A 535 16.85 -7.33 -1.18
N TRP A 536 17.71 -7.31 -0.17
CA TRP A 536 19.05 -7.86 -0.26
C TRP A 536 19.20 -8.92 0.81
N ILE A 537 19.57 -10.13 0.41
CA ILE A 537 19.65 -11.27 1.34
C ILE A 537 21.06 -11.88 1.33
N ARG A 538 21.52 -12.30 2.50
CA ARG A 538 22.66 -13.22 2.63
C ARG A 538 22.13 -14.51 3.28
N ILE A 539 22.49 -15.64 2.69
CA ILE A 539 22.11 -16.97 3.16
C ILE A 539 23.37 -17.68 3.67
N LYS A 540 23.26 -18.38 4.80
CA LYS A 540 24.37 -19.20 5.32
C LYS A 540 23.82 -20.45 5.96
N ASP A 541 24.27 -21.62 5.51
CA ASP A 541 23.85 -22.91 6.08
C ASP A 541 22.32 -23.05 6.12
N GLY A 542 21.68 -22.67 5.03
CA GLY A 542 20.25 -22.85 4.86
C GLY A 542 19.39 -21.79 5.52
N ARG A 543 20.02 -20.80 6.17
CA ARG A 543 19.32 -19.81 6.98
C ARG A 543 19.62 -18.39 6.53
N ILE A 544 18.73 -17.48 6.88
CA ILE A 544 18.93 -16.05 6.61
C ILE A 544 19.98 -15.50 7.57
N GLU A 545 21.07 -15.00 7.00
CA GLU A 545 22.15 -14.36 7.76
C GLU A 545 21.90 -12.86 7.88
N ASN A 546 21.50 -12.23 6.77
CA ASN A 546 21.12 -10.83 6.77
C ASN A 546 19.99 -10.66 5.75
N TYR A 547 19.06 -9.78 6.06
CA TYR A 547 17.98 -9.46 5.16
C TYR A 547 17.69 -7.96 5.33
N GLN A 548 17.95 -7.19 4.28
CA GLN A 548 17.78 -5.74 4.34
C GLN A 548 16.86 -5.28 3.22
N CYS A 549 15.89 -4.46 3.59
CA CYS A 549 14.95 -3.90 2.64
C CYS A 549 15.19 -2.40 2.54
N VAL A 550 15.21 -1.90 1.31
CA VAL A 550 15.18 -0.46 1.05
C VAL A 550 13.98 -0.25 0.14
N VAL A 551 13.01 0.52 0.63
CA VAL A 551 11.64 0.51 0.13
C VAL A 551 11.37 1.92 -0.45
N PRO A 552 10.43 2.06 -1.41
CA PRO A 552 10.30 3.36 -2.07
C PRO A 552 10.06 4.53 -1.13
N THR A 553 9.19 4.37 -0.13
CA THR A 553 8.92 5.44 0.82
C THR A 553 10.11 5.65 1.78
N THR A 554 11.01 4.65 1.90
CA THR A 554 12.28 4.90 2.58
C THR A 554 13.07 5.99 1.84
N TRP A 555 13.19 5.88 0.52
CA TRP A 555 13.82 6.94 -0.28
C TRP A 555 13.07 8.24 -0.10
N ASN A 556 11.78 8.27 -0.42
CA ASN A 556 11.09 9.55 -0.52
C ASN A 556 10.89 10.22 0.82
N GLY A 557 10.61 9.43 1.85
CA GLY A 557 10.33 9.98 3.18
C GLY A 557 11.55 10.13 4.08
N SER A 558 12.73 9.82 3.54
CA SER A 558 13.95 9.82 4.33
CA SER A 558 14.02 9.85 4.22
C SER A 558 14.25 11.14 5.02
N PRO A 559 14.86 11.05 6.21
CA PRO A 559 15.36 12.24 6.87
C PRO A 559 16.71 12.61 6.30
N ARG A 560 17.29 13.67 6.82
CA ARG A 560 18.53 14.15 6.28
C ARG A 560 19.68 13.16 6.49
N ASP A 561 20.66 13.21 5.59
CA ASP A 561 21.81 12.33 5.63
C ASP A 561 22.96 12.96 6.44
N TYR A 562 24.12 12.32 6.42
CA TYR A 562 25.30 12.83 7.13
C TYR A 562 25.64 14.25 6.68
N LYS A 563 25.57 14.51 5.37
CA LYS A 563 25.85 15.84 4.79
C LYS A 563 24.71 16.85 4.93
N GLY A 564 23.60 16.45 5.53
CA GLY A 564 22.46 17.34 5.74
C GLY A 564 21.55 17.48 4.53
N GLN A 565 21.73 16.64 3.50
CA GLN A 565 20.88 16.69 2.31
C GLN A 565 19.50 16.19 2.63
N ILE A 566 18.50 16.86 2.07
CA ILE A 566 17.09 16.54 2.33
C ILE A 566 16.59 15.54 1.30
N GLY A 567 15.63 14.74 1.74
CA GLY A 567 14.93 13.80 0.88
C GLY A 567 13.74 14.39 0.16
N ALA A 568 13.06 13.55 -0.62
CA ALA A 568 12.05 14.01 -1.55
C ALA A 568 10.84 14.70 -0.87
N PHE A 569 10.31 14.14 0.22
CA PHE A 569 9.18 14.76 0.93
C PHE A 569 9.53 16.17 1.41
N GLU A 570 10.68 16.30 2.07
CA GLU A 570 11.08 17.58 2.66
C GLU A 570 11.29 18.61 1.54
N ALA A 571 11.97 18.20 0.47
CA ALA A 571 12.18 19.09 -0.67
C ALA A 571 10.87 19.53 -1.35
N SER A 572 9.91 18.62 -1.44
CA SER A 572 8.66 18.89 -2.13
C SER A 572 7.80 19.92 -1.42
N LEU A 573 7.88 19.99 -0.09
CA LEU A 573 7.09 20.96 0.67
C LEU A 573 7.70 22.34 0.63
N MET A 574 9.02 22.42 0.44
CA MET A 574 9.71 23.70 0.42
C MET A 574 9.08 24.66 -0.56
N ASN A 575 9.03 25.92 -0.13
CA ASN A 575 8.65 27.03 -0.97
C ASN A 575 7.24 27.00 -1.50
N THR A 576 6.36 26.47 -0.65
CA THR A 576 4.94 26.38 -0.95
C THR A 576 4.17 27.33 -0.03
N PRO A 577 3.36 28.24 -0.60
CA PRO A 577 2.49 29.06 0.25
C PRO A 577 1.30 28.27 0.82
N MET A 578 0.93 28.56 2.06
CA MET A 578 -0.28 28.00 2.65
C MET A 578 -1.32 29.09 2.77
N VAL A 579 -2.55 28.78 2.39
CA VAL A 579 -3.66 29.72 2.56
C VAL A 579 -3.87 30.04 4.04
N ASN A 580 -3.76 29.03 4.89
CA ASN A 580 -3.88 29.18 6.33
C ASN A 580 -2.91 28.18 6.96
N PRO A 581 -1.87 28.66 7.69
CA PRO A 581 -0.85 27.74 8.23
C PRO A 581 -1.38 26.69 9.21
N GLU A 582 -2.55 26.92 9.79
CA GLU A 582 -3.18 25.94 10.70
C GLU A 582 -4.09 24.94 9.99
N GLN A 583 -4.26 25.06 8.67
CA GLN A 583 -4.98 24.08 7.88
C GLN A 583 -4.03 23.43 6.90
N PRO A 584 -3.65 22.16 7.12
CA PRO A 584 -2.55 21.59 6.33
C PRO A 584 -2.93 21.14 4.90
N VAL A 585 -3.79 21.89 4.21
CA VAL A 585 -4.31 21.45 2.91
C VAL A 585 -3.19 21.22 1.90
N GLU A 586 -2.28 22.18 1.80
CA GLU A 586 -1.22 22.12 0.81
C GLU A 586 -0.17 21.08 1.18
N ILE A 587 0.08 20.92 2.49
CA ILE A 587 1.02 19.95 3.00
C ILE A 587 0.50 18.55 2.64
N LEU A 588 -0.77 18.31 2.92
CA LEU A 588 -1.38 17.03 2.61
C LEU A 588 -1.41 16.78 1.11
N ARG A 589 -1.80 17.78 0.32
CA ARG A 589 -1.86 17.61 -1.12
C ARG A 589 -0.52 17.15 -1.70
N THR A 590 0.58 17.79 -1.29
CA THR A 590 1.89 17.44 -1.81
C THR A 590 2.41 16.13 -1.22
N LEU A 591 2.33 15.95 0.09
CA LEU A 591 2.78 14.66 0.67
C LEU A 591 2.04 13.50 0.04
N HIS A 592 0.72 13.64 -0.07
CA HIS A 592 -0.09 12.58 -0.63
C HIS A 592 0.26 12.28 -2.09
N SER A 593 0.77 13.25 -2.85
CA SER A 593 1.18 12.98 -4.22
C SER A 593 2.31 11.96 -4.35
N PHE A 594 3.07 11.73 -3.26
CA PHE A 594 4.06 10.63 -3.20
C PHE A 594 3.44 9.31 -2.79
N ASP A 595 2.17 9.32 -2.39
CA ASP A 595 1.50 8.13 -1.89
C ASP A 595 2.30 7.48 -0.75
N PRO A 596 2.51 8.21 0.35
CA PRO A 596 3.35 7.68 1.43
C PRO A 596 2.84 6.38 2.04
N CYS A 597 3.72 5.38 2.12
CA CYS A 597 3.45 4.16 2.83
C CYS A 597 4.46 4.04 3.94
N LEU A 598 4.00 4.32 5.16
CA LEU A 598 4.94 4.47 6.25
C LEU A 598 5.37 3.15 6.84
N ALA A 599 4.47 2.16 6.85
CA ALA A 599 4.86 0.79 7.23
C ALA A 599 5.94 0.26 6.29
N CYS A 600 5.75 0.49 5.00
CA CYS A 600 6.78 0.18 4.02
C CYS A 600 8.10 0.86 4.33
N SER A 601 8.04 2.15 4.64
CA SER A 601 9.24 2.96 4.74
C SER A 601 10.16 2.49 5.85
N THR A 602 9.56 1.94 6.91
CA THR A 602 10.25 1.60 8.16
C THR A 602 10.43 0.08 8.34
N HIS A 603 9.43 -0.70 7.94
CA HIS A 603 9.48 -2.17 8.02
C HIS A 603 10.07 -2.67 9.35
N PRO B 5 -29.72 7.58 14.35
CA PRO B 5 -28.29 7.86 14.36
C PRO B 5 -27.44 6.60 14.26
N ARG B 6 -26.48 6.63 13.36
CA ARG B 6 -25.61 5.47 13.10
C ARG B 6 -24.53 5.37 14.16
N THR B 7 -24.18 4.13 14.56
CA THR B 7 -23.25 3.93 15.66
C THR B 7 -21.87 4.42 15.25
N PRO B 8 -21.27 5.32 16.06
CA PRO B 8 -19.91 5.73 15.73
C PRO B 8 -18.91 4.61 15.89
N VAL B 9 -17.99 4.54 14.93
CA VAL B 9 -16.82 3.71 15.01
C VAL B 9 -15.58 4.59 14.98
N LEU B 10 -14.72 4.38 15.96
CA LEU B 10 -13.41 5.00 16.03
C LEU B 10 -12.41 3.89 15.72
N TRP B 11 -11.80 3.95 14.53
CA TRP B 11 -10.91 2.88 14.06
C TRP B 11 -9.47 3.35 14.24
N LEU B 12 -8.79 2.78 15.23
CA LEU B 12 -7.41 3.14 15.53
C LEU B 12 -6.45 2.16 14.83
N HIS B 13 -5.25 2.64 14.53
CA HIS B 13 -4.18 1.87 13.89
C HIS B 13 -2.92 1.96 14.74
N GLY B 14 -2.44 0.82 15.23
CA GLY B 14 -1.16 0.74 15.92
C GLY B 14 -0.04 0.37 14.96
N LEU B 15 0.86 -0.50 15.41
CA LEU B 15 1.82 -1.12 14.50
C LEU B 15 1.05 -2.13 13.67
N GLU B 16 1.12 -1.98 12.35
CA GLU B 16 0.30 -2.78 11.43
CA GLU B 16 0.29 -2.75 11.43
C GLU B 16 0.86 -2.65 10.03
N CYS B 17 0.27 -3.41 9.10
CA CYS B 17 0.56 -3.26 7.69
C CYS B 17 -0.63 -2.73 6.89
N THR B 18 -1.78 -2.59 7.54
CA THR B 18 -3.01 -2.04 6.94
C THR B 18 -3.80 -3.06 6.10
N CYS B 19 -3.43 -4.34 6.17
CA CYS B 19 -4.12 -5.36 5.39
C CYS B 19 -5.60 -5.51 5.79
N CYS B 20 -5.90 -5.31 7.07
CA CYS B 20 -7.26 -5.52 7.55
C CYS B 20 -8.18 -4.40 7.01
N SER B 21 -7.67 -3.17 6.98
CA SER B 21 -8.41 -2.06 6.38
C SER B 21 -8.70 -2.32 4.91
N GLU B 22 -7.69 -2.81 4.21
CA GLU B 22 -7.86 -3.13 2.80
C GLU B 22 -8.88 -4.27 2.62
N SER B 23 -8.79 -5.30 3.45
CA SER B 23 -9.75 -6.40 3.35
C SER B 23 -11.18 -5.94 3.57
N PHE B 24 -11.38 -5.09 4.59
CA PHE B 24 -12.70 -4.54 4.89
C PHE B 24 -13.35 -3.95 3.62
N ILE B 25 -12.59 -3.17 2.85
CA ILE B 25 -13.18 -2.51 1.67
C ILE B 25 -13.38 -3.44 0.46
N ARG B 26 -12.93 -4.69 0.57
CA ARG B 26 -13.26 -5.71 -0.45
C ARG B 26 -14.65 -6.33 -0.26
N SER B 27 -15.29 -6.07 0.86
CA SER B 27 -16.56 -6.76 1.14
C SER B 27 -17.60 -6.53 0.04
N ALA B 28 -18.25 -7.59 -0.41
CA ALA B 28 -19.31 -7.47 -1.41
C ALA B 28 -20.70 -7.52 -0.78
N HIS B 29 -20.83 -8.19 0.35
CA HIS B 29 -22.11 -8.33 1.05
C HIS B 29 -21.88 -8.18 2.56
N PRO B 30 -22.08 -6.98 3.11
CA PRO B 30 -22.45 -5.71 2.46
C PRO B 30 -21.26 -5.01 1.79
N LEU B 31 -21.56 -4.08 0.90
CA LEU B 31 -20.55 -3.18 0.35
C LEU B 31 -20.00 -2.29 1.46
N ALA B 32 -18.69 -2.10 1.49
CA ALA B 32 -18.09 -1.16 2.44
C ALA B 32 -18.69 0.24 2.29
N LYS B 33 -19.00 0.63 1.05
CA LYS B 33 -19.66 1.92 0.77
C LYS B 33 -20.94 2.04 1.60
N ASP B 34 -21.77 0.99 1.60
CA ASP B 34 -23.02 1.01 2.33
C ASP B 34 -22.79 0.97 3.83
N VAL B 35 -21.75 0.26 4.26
CA VAL B 35 -21.42 0.23 5.70
C VAL B 35 -21.11 1.65 6.19
N VAL B 36 -20.26 2.35 5.44
CA VAL B 36 -19.79 3.69 5.82
C VAL B 36 -20.91 4.74 5.70
N LEU B 37 -21.70 4.68 4.63
CA LEU B 37 -22.73 5.69 4.41
C LEU B 37 -24.01 5.45 5.20
N SER B 38 -24.34 4.19 5.46
CA SER B 38 -25.68 3.84 5.95
C SER B 38 -25.73 3.02 7.24
N MET B 39 -24.61 2.46 7.68
CA MET B 39 -24.65 1.53 8.83
C MET B 39 -23.91 2.06 10.05
N ILE B 40 -22.66 2.47 9.85
CA ILE B 40 -21.86 3.07 10.91
C ILE B 40 -21.64 4.54 10.60
N SER B 41 -21.10 5.27 11.57
CA SER B 41 -20.46 6.56 11.33
C SER B 41 -18.97 6.42 11.62
N LEU B 42 -18.18 6.32 10.54
CA LEU B 42 -16.75 6.10 10.68
C LEU B 42 -16.11 7.45 10.96
N ASP B 43 -15.99 7.79 12.24
CA ASP B 43 -15.63 9.15 12.64
C ASP B 43 -14.14 9.37 12.77
N TYR B 44 -13.37 8.32 12.97
CA TYR B 44 -11.92 8.45 13.03
C TYR B 44 -11.34 7.24 12.36
N ASP B 45 -10.47 7.47 11.39
CA ASP B 45 -9.76 6.39 10.70
C ASP B 45 -8.66 7.03 9.89
N ASP B 46 -7.41 6.80 10.29
CA ASP B 46 -6.25 7.42 9.63
C ASP B 46 -6.23 7.22 8.11
N THR B 47 -6.72 6.08 7.64
CA THR B 47 -6.70 5.71 6.23
C THR B 47 -7.53 6.60 5.32
N LEU B 48 -8.71 7.01 5.79
CA LEU B 48 -9.74 7.60 4.91
CA LEU B 48 -9.74 7.59 4.92
C LEU B 48 -10.16 9.01 5.30
N MET B 49 -9.84 9.43 6.52
CA MET B 49 -10.44 10.65 7.07
C MET B 49 -9.87 11.92 6.45
N ALA B 50 -10.72 12.91 6.26
CA ALA B 50 -10.33 14.19 5.66
C ALA B 50 -9.41 14.98 6.57
N ALA B 51 -9.76 15.03 7.85
CA ALA B 51 -8.98 15.81 8.82
C ALA B 51 -7.63 15.16 9.13
N ALA B 52 -6.62 16.01 9.33
CA ALA B 52 -5.33 15.59 9.84
C ALA B 52 -4.97 16.32 11.12
N GLY B 53 -3.91 15.86 11.77
CA GLY B 53 -3.26 16.62 12.82
C GLY B 53 -4.19 16.97 13.97
N HIS B 54 -4.24 18.26 14.31
CA HIS B 54 -5.05 18.73 15.43
C HIS B 54 -6.55 18.55 15.18
N GLN B 55 -6.96 18.69 13.93
CA GLN B 55 -8.36 18.56 13.56
C GLN B 55 -8.85 17.10 13.69
N ALA B 56 -7.97 16.16 13.31
CA ALA B 56 -8.25 14.73 13.48
C ALA B 56 -8.36 14.37 14.97
N GLU B 57 -7.38 14.83 15.74
CA GLU B 57 -7.32 14.54 17.18
C GLU B 57 -8.57 15.03 17.91
N ALA B 58 -9.04 16.21 17.53
CA ALA B 58 -10.24 16.83 18.13
C ALA B 58 -11.51 16.00 17.97
N ILE B 59 -11.60 15.22 16.88
CA ILE B 59 -12.75 14.34 16.68
C ILE B 59 -12.90 13.31 17.82
N LEU B 60 -11.79 12.75 18.30
CA LEU B 60 -11.86 11.68 19.31
C LEU B 60 -12.58 12.18 20.58
N GLU B 61 -12.14 13.33 21.06
CA GLU B 61 -12.79 14.01 22.20
C GLU B 61 -14.28 14.21 22.00
N GLU B 62 -14.65 14.77 20.84
CA GLU B 62 -16.03 15.08 20.56
C GLU B 62 -16.91 13.84 20.56
N ILE B 63 -16.48 12.77 19.90
CA ILE B 63 -17.30 11.58 19.79
C ILE B 63 -17.38 10.86 21.14
N MET B 64 -16.27 10.86 21.89
CA MET B 64 -16.24 10.16 23.17
C MET B 64 -17.20 10.79 24.17
N THR B 65 -17.30 12.11 24.11
CA THR B 65 -18.21 12.88 24.97
C THR B 65 -19.67 12.66 24.56
N LYS B 66 -19.97 12.90 23.29
CA LYS B 66 -21.34 12.86 22.81
C LYS B 66 -21.92 11.46 22.81
N TYR B 67 -21.07 10.44 22.59
CA TYR B 67 -21.52 9.05 22.50
C TYR B 67 -20.87 8.14 23.55
N LYS B 68 -20.57 8.69 24.72
CA LYS B 68 -19.93 7.93 25.82
C LYS B 68 -20.63 6.60 26.04
N GLY B 69 -19.86 5.50 26.00
CA GLY B 69 -20.40 4.14 26.17
C GLY B 69 -21.34 3.68 25.08
N ASN B 70 -21.28 4.34 23.93
CA ASN B 70 -22.13 3.98 22.82
C ASN B 70 -21.44 4.17 21.47
N TYR B 71 -20.11 4.06 21.48
CA TYR B 71 -19.33 3.92 20.24
C TYR B 71 -18.53 2.63 20.28
N ILE B 72 -18.20 2.14 19.08
CA ILE B 72 -17.35 0.96 18.95
C ILE B 72 -15.92 1.46 18.71
N LEU B 73 -14.98 0.90 19.46
CA LEU B 73 -13.55 1.06 19.18
C LEU B 73 -13.11 -0.15 18.37
N ALA B 74 -12.66 0.10 17.13
CA ALA B 74 -12.02 -0.94 16.33
C ALA B 74 -10.52 -0.67 16.32
N VAL B 75 -9.72 -1.70 16.54
CA VAL B 75 -8.28 -1.56 16.57
C VAL B 75 -7.64 -2.48 15.53
N GLU B 76 -6.91 -1.89 14.60
CA GLU B 76 -6.02 -2.65 13.72
C GLU B 76 -4.59 -2.41 14.19
N GLY B 77 -3.77 -3.44 14.17
CA GLY B 77 -2.44 -3.30 14.70
C GLY B 77 -2.38 -3.42 16.21
N ASN B 78 -1.21 -3.11 16.77
CA ASN B 78 -0.96 -3.30 18.18
C ASN B 78 0.06 -2.31 18.77
N PRO B 79 0.05 -2.18 20.11
CA PRO B 79 1.01 -1.31 20.75
C PRO B 79 2.35 -1.98 21.04
N PRO B 80 3.47 -1.29 20.78
CA PRO B 80 4.78 -1.72 21.24
C PRO B 80 5.05 -1.23 22.66
N LEU B 81 5.63 -2.09 23.49
CA LEU B 81 6.02 -1.71 24.85
C LEU B 81 7.50 -1.34 24.96
N ASN B 82 8.34 -1.77 24.01
CA ASN B 82 9.74 -1.33 23.97
C ASN B 82 9.88 0.09 23.40
N GLN B 83 11.10 0.62 23.42
CA GLN B 83 11.38 1.99 23.00
C GLN B 83 10.47 3.00 23.73
N ASP B 84 10.13 2.71 24.98
CA ASP B 84 9.17 3.53 25.76
C ASP B 84 7.82 3.79 25.05
N GLY B 85 7.41 2.84 24.21
CA GLY B 85 6.19 2.97 23.42
C GLY B 85 6.32 3.82 22.16
N MET B 86 7.50 4.37 21.91
CA MET B 86 7.68 5.37 20.85
C MET B 86 8.20 4.75 19.55
N SER B 87 8.19 3.43 19.47
CA SER B 87 8.19 2.77 18.16
C SER B 87 6.79 2.80 17.50
N CYS B 88 5.79 3.40 18.15
CA CYS B 88 4.56 3.80 17.46
C CYS B 88 4.04 5.08 18.08
N ILE B 89 4.24 6.19 17.38
CA ILE B 89 3.97 7.53 17.91
C ILE B 89 2.76 8.13 17.21
N ILE B 90 1.79 8.63 18.00
CA ILE B 90 0.62 9.34 17.47
C ILE B 90 0.43 10.63 18.27
N GLY B 91 0.37 11.76 17.58
CA GLY B 91 0.27 13.06 18.25
C GLY B 91 1.42 13.31 19.21
N GLY B 92 2.61 12.85 18.83
CA GLY B 92 3.81 12.94 19.66
C GLY B 92 3.85 12.08 20.92
N ARG B 93 2.88 11.18 21.09
CA ARG B 93 2.79 10.36 22.30
C ARG B 93 2.73 8.87 21.91
N PRO B 94 3.03 7.96 22.86
CA PRO B 94 2.95 6.55 22.48
C PRO B 94 1.53 6.16 22.09
N PHE B 95 1.41 5.34 21.04
CA PHE B 95 0.11 4.80 20.66
C PHE B 95 -0.67 4.20 21.84
N ILE B 96 0.04 3.50 22.72
CA ILE B 96 -0.61 2.83 23.84
C ILE B 96 -1.45 3.81 24.70
N GLU B 97 -1.02 5.06 24.76
CA GLU B 97 -1.79 6.09 25.45
C GLU B 97 -3.09 6.45 24.74
N GLN B 98 -3.06 6.54 23.40
CA GLN B 98 -4.28 6.73 22.64
C GLN B 98 -5.22 5.54 22.81
N LEU B 99 -4.66 4.34 22.68
CA LEU B 99 -5.45 3.12 22.81
C LEU B 99 -6.21 3.10 24.15
N LYS B 100 -5.51 3.31 25.23
CA LYS B 100 -6.11 3.27 26.57
C LYS B 100 -7.16 4.36 26.78
N TYR B 101 -6.85 5.54 26.27
CA TYR B 101 -7.78 6.68 26.34
C TYR B 101 -9.10 6.38 25.60
N VAL B 102 -9.02 5.97 24.32
CA VAL B 102 -10.25 5.72 23.57
C VAL B 102 -10.97 4.47 24.08
N ALA B 103 -10.23 3.48 24.58
CA ALA B 103 -10.87 2.23 25.04
C ALA B 103 -11.79 2.45 26.25
N LYS B 104 -11.49 3.43 27.08
CA LYS B 104 -12.16 3.53 28.39
C LYS B 104 -13.69 3.70 28.29
N ASP B 105 -14.17 4.45 27.30
CA ASP B 105 -15.61 4.71 27.15
C ASP B 105 -16.26 3.98 25.97
N ALA B 106 -15.56 3.00 25.39
CA ALA B 106 -16.15 2.23 24.31
C ALA B 106 -17.21 1.27 24.82
N LYS B 107 -18.28 1.08 24.07
CA LYS B 107 -19.21 0.00 24.44
C LYS B 107 -18.67 -1.39 24.07
N ALA B 108 -17.83 -1.46 23.04
CA ALA B 108 -17.23 -2.71 22.60
C ALA B 108 -15.91 -2.43 21.88
N ILE B 109 -15.00 -3.40 21.92
CA ILE B 109 -13.71 -3.30 21.24
C ILE B 109 -13.56 -4.46 20.27
N ILE B 110 -13.29 -4.14 19.01
CA ILE B 110 -12.99 -5.16 18.00
C ILE B 110 -11.50 -5.16 17.78
N SER B 111 -10.87 -6.32 18.00
CA SER B 111 -9.47 -6.52 17.61
C SER B 111 -9.41 -7.08 16.19
N TRP B 112 -9.25 -6.17 15.22
CA TRP B 112 -9.16 -6.59 13.81
C TRP B 112 -7.84 -7.28 13.54
N GLY B 113 -7.91 -8.48 12.98
CA GLY B 113 -6.73 -9.15 12.48
C GLY B 113 -5.85 -9.76 13.53
N SER B 114 -4.89 -10.53 13.04
CA SER B 114 -3.92 -11.15 13.91
C SER B 114 -3.03 -10.15 14.68
N CYS B 115 -2.73 -8.97 14.13
CA CYS B 115 -1.91 -8.02 14.90
C CYS B 115 -2.60 -7.65 16.19
N ALA B 116 -3.85 -7.20 16.08
CA ALA B 116 -4.59 -6.75 17.27
C ALA B 116 -4.93 -7.93 18.17
N SER B 117 -5.22 -9.07 17.56
CA SER B 117 -5.70 -10.25 18.29
C SER B 117 -4.57 -10.91 19.06
N TRP B 118 -3.41 -11.08 18.43
CA TRP B 118 -2.33 -11.94 18.99
C TRP B 118 -0.92 -11.35 18.90
N GLY B 119 -0.66 -10.49 17.91
CA GLY B 119 0.68 -9.93 17.74
C GLY B 119 1.14 -9.88 16.29
N CYS B 120 0.81 -10.94 15.54
CA CYS B 120 1.20 -11.10 14.12
C CYS B 120 2.71 -10.87 13.89
N VAL B 121 3.09 -10.36 12.73
CA VAL B 121 4.47 -10.53 12.26
C VAL B 121 5.49 -9.80 13.14
N GLN B 122 5.14 -8.61 13.61
CA GLN B 122 6.07 -7.84 14.44
C GLN B 122 6.33 -8.51 15.79
N ALA B 123 5.42 -9.39 16.24
CA ALA B 123 5.55 -10.10 17.50
C ALA B 123 6.27 -11.45 17.34
N ALA B 124 6.59 -11.83 16.10
CA ALA B 124 7.38 -13.02 15.86
C ALA B 124 8.77 -12.82 16.43
N LYS B 125 9.42 -13.90 16.81
CA LYS B 125 10.71 -13.84 17.49
CA LYS B 125 10.71 -13.82 17.48
C LYS B 125 11.72 -13.03 16.64
N PRO B 126 12.50 -12.13 17.28
CA PRO B 126 12.61 -11.84 18.73
C PRO B 126 11.75 -10.66 19.23
N ASN B 127 10.72 -10.28 18.46
CA ASN B 127 9.81 -9.19 18.82
C ASN B 127 10.56 -7.92 19.31
N PRO B 128 11.29 -7.27 18.40
CA PRO B 128 12.14 -6.14 18.77
C PRO B 128 11.40 -4.98 19.46
N THR B 129 10.11 -4.81 19.17
CA THR B 129 9.32 -3.71 19.77
C THR B 129 8.44 -4.11 20.96
N GLN B 130 8.51 -5.38 21.36
CA GLN B 130 7.55 -5.94 22.32
CA GLN B 130 7.55 -5.96 22.32
C GLN B 130 6.12 -5.55 21.95
N ALA B 131 5.79 -5.79 20.69
CA ALA B 131 4.44 -5.61 20.21
C ALA B 131 3.54 -6.58 20.96
N THR B 132 2.40 -6.08 21.44
CA THR B 132 1.56 -6.75 22.42
C THR B 132 0.11 -6.65 21.97
N PRO B 133 -0.64 -7.77 21.97
CA PRO B 133 -2.03 -7.71 21.52
C PRO B 133 -2.91 -6.87 22.45
N VAL B 134 -4.03 -6.40 21.92
CA VAL B 134 -4.87 -5.41 22.59
C VAL B 134 -5.37 -5.94 23.93
N HIS B 135 -5.79 -7.20 23.96
CA HIS B 135 -6.40 -7.79 25.16
C HIS B 135 -5.42 -7.98 26.32
N LYS B 136 -4.11 -7.89 26.07
CA LYS B 136 -3.12 -7.90 27.16
C LYS B 136 -2.92 -6.50 27.76
N VAL B 137 -3.36 -5.47 27.05
CA VAL B 137 -3.25 -4.08 27.50
C VAL B 137 -4.58 -3.56 28.02
N ILE B 138 -5.68 -3.87 27.33
CA ILE B 138 -7.01 -3.48 27.76
C ILE B 138 -7.69 -4.71 28.36
N THR B 139 -7.85 -4.71 29.67
CA THR B 139 -8.27 -5.91 30.39
C THR B 139 -9.65 -5.80 31.07
N ASP B 140 -10.33 -4.66 30.90
CA ASP B 140 -11.62 -4.41 31.59
C ASP B 140 -12.76 -4.05 30.63
N LYS B 141 -12.63 -4.41 29.35
CA LYS B 141 -13.63 -4.08 28.34
C LYS B 141 -13.98 -5.32 27.52
N PRO B 142 -15.21 -5.38 26.99
CA PRO B 142 -15.55 -6.50 26.13
C PRO B 142 -14.78 -6.40 24.82
N ILE B 143 -13.97 -7.42 24.51
CA ILE B 143 -13.22 -7.50 23.25
C ILE B 143 -13.71 -8.70 22.41
N ILE B 144 -13.78 -8.50 21.10
CA ILE B 144 -13.98 -9.60 20.14
C ILE B 144 -12.73 -9.65 19.26
N LYS B 145 -12.09 -10.81 19.19
CA LYS B 145 -10.94 -11.03 18.29
C LYS B 145 -11.43 -11.52 16.93
N VAL B 146 -10.91 -10.92 15.85
CA VAL B 146 -11.24 -11.32 14.49
C VAL B 146 -9.90 -11.59 13.80
N PRO B 147 -9.31 -12.77 14.09
CA PRO B 147 -7.95 -12.99 13.65
C PRO B 147 -7.85 -13.41 12.18
N GLY B 148 -6.62 -13.44 11.69
CA GLY B 148 -6.36 -13.64 10.27
C GLY B 148 -5.48 -12.52 9.78
N CYS B 149 -4.74 -12.76 8.71
CA CYS B 149 -3.78 -11.80 8.21
C CYS B 149 -3.94 -11.58 6.70
N PRO B 150 -4.94 -10.79 6.29
CA PRO B 150 -6.02 -10.24 7.13
C PRO B 150 -7.17 -11.24 7.29
N PRO B 151 -8.18 -10.90 8.08
CA PRO B 151 -9.41 -11.71 8.05
C PRO B 151 -10.10 -11.54 6.71
N ILE B 152 -10.97 -12.49 6.38
CA ILE B 152 -11.80 -12.43 5.18
C ILE B 152 -12.69 -11.20 5.25
N ALA B 153 -12.93 -10.54 4.11
CA ALA B 153 -13.68 -9.27 4.08
C ALA B 153 -15.05 -9.45 4.69
N GLU B 154 -15.77 -10.47 4.25
CA GLU B 154 -17.15 -10.69 4.73
C GLU B 154 -17.22 -11.16 6.17
N VAL B 155 -16.13 -11.70 6.69
CA VAL B 155 -16.02 -11.96 8.11
C VAL B 155 -15.98 -10.64 8.89
N MET B 156 -15.16 -9.69 8.43
CA MET B 156 -15.07 -8.37 9.06
C MET B 156 -16.40 -7.64 9.02
N THR B 157 -17.02 -7.55 7.84
CA THR B 157 -18.30 -6.84 7.74
C THR B 157 -19.44 -7.63 8.39
N GLY B 158 -19.32 -8.96 8.40
CA GLY B 158 -20.27 -9.80 9.09
C GLY B 158 -20.30 -9.56 10.60
N VAL B 159 -19.12 -9.39 11.18
CA VAL B 159 -19.01 -9.02 12.59
C VAL B 159 -19.68 -7.66 12.86
N ILE B 160 -19.34 -6.65 12.06
CA ILE B 160 -19.91 -5.31 12.20
C ILE B 160 -21.43 -5.36 12.07
N THR B 161 -21.90 -6.10 11.08
CA THR B 161 -23.32 -6.15 10.77
C THR B 161 -24.09 -6.78 11.94
N TYR B 162 -23.52 -7.85 12.49
CA TYR B 162 -24.11 -8.49 13.67
C TYR B 162 -24.20 -7.50 14.82
N MET B 163 -23.08 -6.84 15.11
CA MET B 163 -23.02 -5.92 16.24
C MET B 163 -23.99 -4.76 16.10
N LEU B 164 -24.16 -4.25 14.88
CA LEU B 164 -25.07 -3.13 14.66
C LEU B 164 -26.52 -3.57 14.73
N THR B 165 -26.83 -4.73 14.15
CA THR B 165 -28.19 -5.24 14.14
C THR B 165 -28.68 -5.55 15.55
N PHE B 166 -27.83 -6.18 16.36
CA PHE B 166 -28.27 -6.74 17.65
C PHE B 166 -27.81 -5.94 18.86
N ASP B 167 -26.88 -5.00 18.67
CA ASP B 167 -26.26 -4.27 19.77
C ASP B 167 -25.67 -5.26 20.79
N ARG B 168 -25.05 -6.30 20.27
CA ARG B 168 -24.45 -7.38 21.07
C ARG B 168 -23.20 -7.86 20.35
N ILE B 169 -22.23 -8.34 21.10
CA ILE B 169 -21.12 -9.11 20.54
C ILE B 169 -21.61 -10.56 20.30
N PRO B 170 -21.28 -11.16 19.12
CA PRO B 170 -21.76 -12.53 18.93
C PRO B 170 -21.07 -13.53 19.88
N GLU B 171 -21.61 -14.74 19.94
CA GLU B 171 -21.04 -15.79 20.80
C GLU B 171 -19.58 -16.03 20.43
N LEU B 172 -18.71 -16.05 21.44
CA LEU B 172 -17.28 -16.24 21.25
C LEU B 172 -16.83 -17.60 21.76
N ASP B 173 -15.82 -18.16 21.10
CA ASP B 173 -15.11 -19.31 21.63
C ASP B 173 -14.17 -18.93 22.80
N ARG B 174 -13.45 -19.90 23.34
CA ARG B 174 -12.58 -19.65 24.50
C ARG B 174 -11.48 -18.62 24.21
N GLN B 175 -11.07 -18.50 22.94
CA GLN B 175 -10.06 -17.52 22.55
C GLN B 175 -10.62 -16.16 22.16
N GLY B 176 -11.92 -15.96 22.29
CA GLY B 176 -12.53 -14.66 22.02
C GLY B 176 -12.92 -14.42 20.58
N ARG B 177 -12.96 -15.49 19.78
CA ARG B 177 -13.28 -15.39 18.36
C ARG B 177 -14.76 -15.68 18.15
N PRO B 178 -15.41 -15.02 17.16
CA PRO B 178 -16.82 -15.32 16.91
C PRO B 178 -17.05 -16.73 16.34
N LYS B 179 -17.82 -17.53 17.05
CA LYS B 179 -18.13 -18.89 16.60
C LYS B 179 -18.78 -18.93 15.23
N MET B 180 -19.53 -17.89 14.87
CA MET B 180 -20.21 -17.86 13.57
C MET B 180 -19.25 -17.86 12.37
N PHE B 181 -18.00 -17.47 12.60
CA PHE B 181 -16.97 -17.52 11.55
C PHE B 181 -15.77 -18.43 11.83
N TYR B 182 -15.50 -18.77 13.09
CA TYR B 182 -14.27 -19.49 13.47
C TYR B 182 -14.49 -20.85 14.14
N SER B 183 -15.67 -21.45 13.94
CA SER B 183 -15.98 -22.73 14.57
CA SER B 183 -15.99 -22.74 14.57
C SER B 183 -15.36 -23.94 13.88
N GLN B 184 -15.03 -23.78 12.59
CA GLN B 184 -14.47 -24.87 11.77
C GLN B 184 -13.00 -24.68 11.50
N ARG B 185 -12.27 -25.79 11.51
CA ARG B 185 -10.93 -25.82 10.94
C ARG B 185 -11.04 -25.81 9.43
N ILE B 186 -10.05 -25.22 8.78
CA ILE B 186 -9.99 -25.17 7.31
C ILE B 186 -10.19 -26.59 6.74
N HIS B 187 -9.53 -27.55 7.38
CA HIS B 187 -9.47 -28.95 6.95
C HIS B 187 -10.84 -29.67 6.99
N ASP B 188 -11.79 -29.16 7.79
CA ASP B 188 -13.11 -29.80 7.93
C ASP B 188 -13.85 -29.88 6.58
N LYS B 189 -13.94 -28.75 5.87
CA LYS B 189 -14.69 -28.63 4.61
C LYS B 189 -13.83 -28.29 3.37
N CYS B 190 -12.50 -28.28 3.54
CA CYS B 190 -11.60 -28.08 2.41
C CYS B 190 -11.98 -29.04 1.27
N TYR B 191 -12.17 -28.50 0.07
CA TYR B 191 -12.55 -29.32 -1.09
C TYR B 191 -11.51 -30.38 -1.46
N ARG B 192 -10.26 -30.22 -1.00
CA ARG B 192 -9.22 -31.23 -1.24
C ARG B 192 -9.20 -32.36 -0.17
N ARG B 193 -10.11 -32.29 0.78
CA ARG B 193 -10.21 -33.30 1.85
C ARG B 193 -10.35 -34.76 1.35
N PRO B 194 -11.17 -34.99 0.30
CA PRO B 194 -11.25 -36.37 -0.23
C PRO B 194 -9.89 -36.90 -0.69
N HIS B 195 -9.04 -36.03 -1.24
CA HIS B 195 -7.67 -36.43 -1.56
C HIS B 195 -6.85 -36.76 -0.31
N PHE B 196 -6.97 -35.94 0.72
CA PHE B 196 -6.34 -36.24 2.00
C PHE B 196 -6.79 -37.60 2.51
N ASP B 197 -8.09 -37.85 2.49
CA ASP B 197 -8.65 -39.12 2.99
C ASP B 197 -8.14 -40.32 2.22
N ALA B 198 -7.81 -40.12 0.94
CA ALA B 198 -7.31 -41.18 0.06
C ALA B 198 -5.79 -41.24 -0.04
N GLY B 199 -5.07 -40.46 0.77
CA GLY B 199 -3.60 -40.44 0.75
C GLY B 199 -3.01 -39.86 -0.53
N GLN B 200 -3.74 -38.93 -1.14
CA GLN B 200 -3.33 -38.34 -2.41
C GLN B 200 -2.79 -36.92 -2.19
N PHE B 201 -1.46 -36.80 -2.23
CA PHE B 201 -0.74 -35.60 -1.82
C PHE B 201 0.19 -35.07 -2.89
N VAL B 202 0.29 -33.75 -2.94
CA VAL B 202 1.40 -33.09 -3.61
C VAL B 202 2.69 -33.37 -2.83
N GLU B 203 3.78 -33.72 -3.53
CA GLU B 203 5.08 -33.92 -2.89
C GLU B 203 6.14 -32.91 -3.34
N GLU B 204 6.01 -32.39 -4.57
CA GLU B 204 6.85 -31.33 -5.09
C GLU B 204 5.98 -30.34 -5.84
N TRP B 205 6.33 -29.07 -5.79
CA TRP B 205 5.55 -28.06 -6.51
C TRP B 205 5.45 -28.42 -8.00
N ASP B 206 4.25 -28.27 -8.52
CA ASP B 206 3.92 -28.49 -9.92
C ASP B 206 4.16 -29.92 -10.39
N ASP B 207 4.08 -30.87 -9.46
CA ASP B 207 4.07 -32.27 -9.85
C ASP B 207 2.67 -32.62 -10.38
N GLU B 208 2.52 -33.84 -10.88
CA GLU B 208 1.26 -34.25 -11.48
C GLU B 208 0.11 -34.14 -10.47
N SER B 209 0.41 -34.49 -9.22
CA SER B 209 -0.52 -34.38 -8.12
C SER B 209 -1.03 -32.94 -7.90
N ALA B 210 -0.11 -31.97 -8.00
CA ALA B 210 -0.47 -30.56 -7.88
C ALA B 210 -1.41 -30.12 -9.00
N ARG B 211 -1.16 -30.61 -10.20
CA ARG B 211 -1.99 -30.29 -11.36
C ARG B 211 -3.38 -30.91 -11.30
N LYS B 212 -3.56 -31.89 -10.43
CA LYS B 212 -4.87 -32.51 -10.18
C LYS B 212 -5.51 -32.02 -8.88
N GLY B 213 -4.90 -31.03 -8.23
CA GLY B 213 -5.45 -30.47 -7.00
C GLY B 213 -5.41 -31.41 -5.81
N PHE B 214 -4.38 -32.24 -5.73
CA PHE B 214 -4.22 -33.13 -4.58
C PHE B 214 -3.94 -32.33 -3.29
N CYS B 215 -4.15 -32.98 -2.16
CA CYS B 215 -4.00 -32.35 -0.85
C CYS B 215 -2.57 -31.78 -0.67
N LEU B 216 -2.50 -30.63 0.01
CA LEU B 216 -1.26 -29.91 0.25
C LEU B 216 -0.63 -30.15 1.63
N TYR B 217 -1.11 -31.15 2.37
CA TYR B 217 -0.56 -31.50 3.70
C TYR B 217 0.95 -31.66 3.73
N LYS B 218 1.47 -32.42 2.78
CA LYS B 218 2.91 -32.68 2.76
C LYS B 218 3.75 -31.51 2.25
N MET B 219 3.08 -30.46 1.73
CA MET B 219 3.74 -29.22 1.39
C MET B 219 3.61 -28.18 2.52
N GLY B 220 3.13 -28.61 3.68
CA GLY B 220 3.11 -27.75 4.87
C GLY B 220 1.76 -27.17 5.23
N CYS B 221 0.69 -27.58 4.56
CA CYS B 221 -0.63 -27.00 4.82
C CYS B 221 -0.98 -27.12 6.31
N LYS B 222 -1.30 -26.00 6.93
CA LYS B 222 -1.67 -25.94 8.32
C LYS B 222 -3.20 -25.87 8.53
N GLY B 223 -3.96 -26.16 7.46
CA GLY B 223 -5.41 -26.25 7.54
C GLY B 223 -5.94 -27.13 8.66
N PRO B 224 -5.27 -28.27 8.95
CA PRO B 224 -5.74 -29.12 10.06
C PRO B 224 -5.73 -28.52 11.46
N THR B 225 -4.96 -27.46 11.68
CA THR B 225 -4.86 -26.83 13.01
C THR B 225 -5.30 -25.37 13.01
N THR B 226 -5.98 -24.94 11.95
CA THR B 226 -6.31 -23.53 11.77
C THR B 226 -7.82 -23.33 11.62
N TYR B 227 -8.38 -22.49 12.48
CA TYR B 227 -9.81 -22.14 12.46
C TYR B 227 -10.08 -20.85 11.68
N ASN B 228 -10.90 -20.94 10.63
CA ASN B 228 -11.28 -19.78 9.82
C ASN B 228 -12.37 -20.25 8.87
N ALA B 229 -12.91 -19.33 8.07
CA ALA B 229 -13.99 -19.62 7.15
C ALA B 229 -13.50 -19.75 5.71
N CYS B 230 -12.19 -19.91 5.52
CA CYS B 230 -11.61 -19.87 4.17
C CYS B 230 -12.08 -20.96 3.23
N SER B 231 -12.41 -22.15 3.76
CA SER B 231 -12.80 -23.28 2.90
CA SER B 231 -12.78 -23.26 2.86
C SER B 231 -14.24 -23.17 2.41
N THR B 232 -15.07 -22.43 3.14
CA THR B 232 -16.50 -22.29 2.85
C THR B 232 -16.85 -20.91 2.28
N THR B 233 -16.70 -19.88 3.09
CA THR B 233 -16.90 -18.52 2.62
C THR B 233 -15.92 -18.13 1.51
N ARG B 234 -14.66 -18.52 1.69
CA ARG B 234 -13.61 -18.24 0.73
C ARG B 234 -13.35 -16.73 0.63
N TRP B 235 -12.54 -16.31 -0.35
CA TRP B 235 -11.96 -14.99 -0.39
C TRP B 235 -12.45 -14.22 -1.59
N ASN B 236 -12.61 -12.92 -1.42
CA ASN B 236 -12.92 -11.99 -2.51
C ASN B 236 -14.18 -12.41 -3.27
N GLU B 237 -15.26 -12.45 -2.51
CA GLU B 237 -16.57 -12.91 -2.98
C GLU B 237 -16.51 -14.35 -3.50
N GLY B 238 -15.90 -15.22 -2.69
CA GLY B 238 -15.83 -16.64 -2.99
C GLY B 238 -15.12 -17.01 -4.28
N THR B 239 -14.11 -16.23 -4.65
CA THR B 239 -13.35 -16.49 -5.89
C THR B 239 -12.35 -17.63 -5.73
N SER B 240 -11.65 -17.63 -4.60
CA SER B 240 -10.67 -18.68 -4.27
C SER B 240 -10.36 -18.66 -2.78
N PHE B 241 -9.38 -19.48 -2.39
CA PHE B 241 -8.72 -19.36 -1.10
C PHE B 241 -7.32 -19.95 -1.28
N PRO B 242 -6.44 -19.79 -0.27
CA PRO B 242 -5.05 -20.18 -0.50
C PRO B 242 -4.88 -21.60 -1.07
N ILE B 243 -5.60 -22.56 -0.52
CA ILE B 243 -5.51 -23.96 -0.95
C ILE B 243 -6.04 -24.15 -2.38
N GLN B 244 -7.17 -23.54 -2.72
CA GLN B 244 -7.68 -23.66 -4.07
C GLN B 244 -6.68 -23.16 -5.12
N SER B 245 -5.96 -22.09 -4.79
CA SER B 245 -4.97 -21.52 -5.69
C SER B 245 -3.61 -22.20 -5.58
N GLY B 246 -3.49 -23.21 -4.71
CA GLY B 246 -2.37 -24.13 -4.75
C GLY B 246 -1.32 -24.02 -3.65
N HIS B 247 -1.49 -23.12 -2.69
CA HIS B 247 -0.53 -23.00 -1.59
C HIS B 247 -1.22 -23.47 -0.31
N GLY B 248 -0.50 -24.23 0.52
CA GLY B 248 -1.06 -24.65 1.79
C GLY B 248 -1.45 -23.45 2.63
N CYS B 249 -2.43 -23.62 3.48
CA CYS B 249 -2.68 -22.69 4.57
C CYS B 249 -1.37 -22.54 5.36
N ILE B 250 -1.02 -21.31 5.71
CA ILE B 250 0.15 -21.03 6.56
C ILE B 250 -0.25 -20.80 8.02
N GLY B 251 -1.54 -20.95 8.31
CA GLY B 251 -2.04 -20.85 9.69
C GLY B 251 -2.32 -19.44 10.17
N CYS B 252 -2.67 -18.53 9.26
CA CYS B 252 -2.56 -17.09 9.54
C CYS B 252 -3.59 -16.53 10.52
N SER B 253 -4.63 -17.30 10.85
CA SER B 253 -5.57 -16.87 11.87
C SER B 253 -5.24 -17.40 13.27
N GLU B 254 -4.19 -18.22 13.40
CA GLU B 254 -3.85 -18.80 14.70
C GLU B 254 -2.74 -18.04 15.41
N ASP B 255 -2.90 -17.96 16.72
CA ASP B 255 -1.95 -17.32 17.60
C ASP B 255 -0.53 -17.86 17.42
N GLY B 256 0.41 -16.98 17.09
CA GLY B 256 1.81 -17.33 17.02
C GLY B 256 2.21 -18.13 15.81
N PHE B 257 1.46 -18.00 14.71
CA PHE B 257 1.68 -18.84 13.52
C PHE B 257 3.03 -18.63 12.84
N TRP B 258 3.66 -17.48 13.08
CA TRP B 258 4.99 -17.21 12.51
C TRP B 258 6.12 -18.01 13.15
N ASP B 259 5.88 -18.54 14.36
CA ASP B 259 6.92 -19.24 15.13
C ASP B 259 6.59 -20.71 15.38
N LYS B 260 5.83 -21.31 14.45
CA LYS B 260 5.49 -22.74 14.52
CA LYS B 260 5.47 -22.73 14.50
C LYS B 260 6.24 -23.53 13.45
N GLY B 261 7.43 -23.05 13.08
CA GLY B 261 8.27 -23.71 12.09
C GLY B 261 8.00 -23.21 10.69
N SER B 262 8.79 -23.71 9.74
CA SER B 262 8.65 -23.31 8.36
C SER B 262 7.22 -23.57 7.89
N PHE B 263 6.74 -22.69 7.05
CA PHE B 263 5.42 -22.89 6.45
C PHE B 263 5.35 -24.15 5.60
N TYR B 264 6.51 -24.65 5.17
CA TYR B 264 6.56 -25.78 4.27
C TYR B 264 6.87 -27.08 4.98
N ASP B 265 7.07 -27.03 6.30
CA ASP B 265 7.23 -28.24 7.08
C ASP B 265 5.87 -28.79 7.44
N ARG B 266 5.68 -30.07 7.16
CA ARG B 266 4.39 -30.68 7.42
C ARG B 266 4.13 -30.84 8.91
N LEU B 267 2.86 -30.83 9.27
CA LEU B 267 2.43 -31.22 10.61
C LEU B 267 2.82 -32.68 10.84
N THR B 268 3.21 -33.01 12.06
CA THR B 268 3.54 -34.40 12.42
C THR B 268 2.30 -35.11 12.91
N GLY B 269 2.34 -36.43 12.83
CA GLY B 269 1.23 -37.26 13.28
C GLY B 269 -0.01 -37.03 12.45
N ILE B 270 0.08 -37.37 11.16
CA ILE B 270 -1.02 -37.20 10.21
C ILE B 270 -2.34 -37.91 10.61
N SER B 271 -2.22 -39.03 11.33
CA SER B 271 -3.39 -39.82 11.76
C SER B 271 -4.37 -39.09 12.68
N GLN B 272 -3.89 -38.07 13.41
CA GLN B 272 -4.76 -37.28 14.28
C GLN B 272 -5.73 -36.36 13.51
N PHE B 273 -5.46 -36.13 12.22
CA PHE B 273 -6.30 -35.25 11.38
C PHE B 273 -7.11 -36.06 10.35
FE NFV C . 5.36 -0.11 -0.59
NI NFV C . 3.14 -0.15 1.24
C1 NFV C . 6.86 -1.15 -1.19
O1 NFV C . 7.97 -1.83 -1.58
C2 NFV C . 6.33 1.42 -0.41
N2 NFV C . 6.97 2.37 -0.26
C3 NFV C . 5.01 0.34 -2.33
N3 NFV C . 4.82 0.57 -3.44
O4 NFV C . 3.66 1.03 -0.05
MG MG D . 15.62 -1.31 5.62
O1 OXY E . -4.91 16.17 -10.05
O2 OXY E . -3.85 16.59 -10.44
O1 OXY F . 7.67 15.81 5.60
O2 OXY F . 8.35 16.58 4.97
O1 OXY G . -13.63 13.00 -4.66
O2 OXY G . -13.79 12.93 -3.47
C1 PEG H . 27.87 17.11 7.68
O1 PEG H . 27.73 17.19 9.11
C2 PEG H . 29.14 17.80 7.22
O2 PEG H . 30.04 16.78 6.78
C3 PEG H . 31.34 17.28 6.48
C4 PEG H . 32.37 16.48 7.28
O4 PEG H . 32.84 15.34 6.54
FE1 SF4 I . -4.81 -28.62 3.75
FE2 SF4 I . -5.27 -31.05 2.60
FE3 SF4 I . -7.22 -29.16 2.54
FE4 SF4 I . -6.58 -30.46 4.89
S1 SF4 I . -7.47 -31.37 2.97
S2 SF4 I . -6.90 -28.18 4.59
S3 SF4 I . -4.26 -30.63 4.67
S4 SF4 I . -5.16 -29.08 1.50
FE1 F3S J . -4.99 -20.32 6.01
FE3 F3S J . -7.16 -18.87 5.43
FE4 F3S J . -4.93 -17.66 6.37
S1 F3S J . -6.41 -20.64 4.22
S2 F3S J . -3.26 -18.93 5.57
S3 F3S J . -6.28 -19.16 7.53
S4 F3S J . -6.31 -16.89 4.77
S1 F4S K . -2.55 -5.32 9.82
FE1 F4S K . -1.49 -6.67 8.29
S2 F4S K . 0.14 -7.83 9.47
FE2 F4S K . -1.60 -7.12 10.82
S3 F4S K . -2.95 -8.87 10.76
FE3 F4S K . -0.98 -9.68 10.01
FE4 F4S K . -4.43 -5.65 8.60
O1 OXY L . -8.42 0.62 2.37
O2 OXY L . -7.64 0.60 3.28
CL CL M . 0.17 -14.08 15.66
O O N . -0.85 -7.87 7.05
#